data_9O0Y
#
_entry.id   9O0Y
#
_cell.length_a   77.422
_cell.length_b   153.254
_cell.length_c   140.513
_cell.angle_alpha   90.00
_cell.angle_beta   90.00
_cell.angle_gamma   90.00
#
_symmetry.space_group_name_H-M   'C 2 2 21'
#
loop_
_entity.id
_entity.type
_entity.pdbx_description
1 polymer 'Three-prime repair exonuclease 1'
2 non-polymer N-[(2,3-dichlorophenyl)methyl]-3,5-difluoro-N-[(pyridin-3-yl)methyl]benzamide
3 non-polymer 'MAGNESIUM ION'
4 non-polymer 1,2-ETHANEDIOL
5 non-polymer 'UNKNOWN ATOM OR ION'
6 water water
#
_entity_poly.entity_id   1
_entity_poly.type   'polypeptide(L)'
_entity_poly.pdbx_seq_one_letter_code
;ALPHGHMQTLIFFDMEATGLPSSRPEVTELCLLAVHRCALESPPTSQGPPPTVPPPPRVVDKLSLCVAPGKACSPAASEI
TGLSTAVLAAHGRQCFDDNLANLLLAFLRRQPQPWCLVAHNGDRYDFPLLQAELAMLGLTSALDGAFCVDSITALKALER
ASSPSEHGPRKSYSLGSIYTRLYGQSPPDSHTAEGDVLALLSICQWRPQALLRWVDAHARPFGTIRPMYGVTAS
;
_entity_poly.pdbx_strand_id   A,B,C
#
# COMPACT_ATOMS: atom_id res chain seq x y z
N ALA A 1 1.70 23.60 0.99
CA ALA A 1 2.08 22.32 1.65
C ALA A 1 0.92 21.82 2.49
N LEU A 2 0.75 20.49 2.53
CA LEU A 2 -0.29 19.88 3.32
C LEU A 2 0.26 19.55 4.70
N PRO A 3 -0.27 20.16 5.78
CA PRO A 3 0.33 20.02 7.11
C PRO A 3 0.25 18.59 7.66
N HIS A 4 -0.76 17.83 7.23
CA HIS A 4 -1.00 16.49 7.77
C HIS A 4 -1.30 15.49 6.66
N GLY A 5 -0.86 15.79 5.43
CA GLY A 5 -1.14 14.93 4.28
C GLY A 5 -2.62 15.00 3.88
N HIS A 6 -3.02 14.12 2.96
CA HIS A 6 -4.39 14.13 2.48
C HIS A 6 -5.31 13.43 3.47
N MET A 7 -6.44 14.07 3.78
CA MET A 7 -7.45 13.44 4.61
C MET A 7 -8.14 12.32 3.82
N GLN A 8 -8.28 11.14 4.43
CA GLN A 8 -8.87 10.00 3.73
C GLN A 8 -10.38 9.91 3.93
N THR A 9 -10.85 10.34 5.11
CA THR A 9 -12.27 10.34 5.41
C THR A 9 -12.66 11.73 5.93
N LEU A 10 -13.72 12.29 5.35
CA LEU A 10 -14.35 13.48 5.90
C LEU A 10 -15.57 13.02 6.69
N ILE A 11 -15.59 13.37 7.98
CA ILE A 11 -16.71 13.02 8.83
C ILE A 11 -17.52 14.28 9.06
N PHE A 12 -18.59 14.43 8.29
CA PHE A 12 -19.52 15.53 8.48
C PHE A 12 -20.19 15.32 9.82
N PHE A 13 -20.23 16.39 10.63
CA PHE A 13 -20.52 16.26 12.05
C PHE A 13 -21.43 17.40 12.47
N ASP A 14 -22.47 17.06 13.23
CA ASP A 14 -23.32 18.07 13.82
C ASP A 14 -23.90 17.55 15.12
N MET A 15 -23.97 18.43 16.11
CA MET A 15 -24.63 18.13 17.36
C MET A 15 -25.72 19.16 17.66
N GLU A 16 -26.71 18.71 18.43
N GLU A 16 -26.67 18.72 18.47
CA GLU A 16 -27.69 19.57 19.07
CA GLU A 16 -27.63 19.62 19.08
C GLU A 16 -27.32 19.60 20.56
C GLU A 16 -27.38 19.58 20.59
N ALA A 17 -27.70 20.69 21.25
CA ALA A 17 -27.40 20.84 22.66
C ALA A 17 -28.53 21.58 23.37
N THR A 18 -28.41 21.67 24.69
CA THR A 18 -29.41 22.26 25.55
C THR A 18 -29.51 23.77 25.39
N GLY A 19 -28.46 24.40 24.84
CA GLY A 19 -28.38 25.85 24.75
C GLY A 19 -27.11 26.24 24.01
N LEU A 20 -26.82 27.54 23.96
CA LEU A 20 -25.62 28.05 23.32
C LEU A 20 -24.44 27.98 24.29
N PRO A 21 -23.20 28.14 23.80
CA PRO A 21 -22.03 27.95 24.65
C PRO A 21 -22.02 28.70 26.00
N SER A 22 -22.55 29.93 26.01
CA SER A 22 -22.57 30.73 27.22
C SER A 22 -23.44 30.15 28.34
N SER A 23 -24.28 29.16 28.03
CA SER A 23 -25.11 28.47 29.01
C SER A 23 -24.47 27.21 29.59
N ARG A 24 -23.22 26.90 29.21
CA ARG A 24 -22.55 25.67 29.63
C ARG A 24 -23.41 24.46 29.24
N PRO A 25 -23.68 24.29 27.94
CA PRO A 25 -24.69 23.33 27.49
C PRO A 25 -24.15 21.90 27.44
N GLU A 26 -25.10 20.97 27.29
CA GLU A 26 -24.79 19.57 27.13
C GLU A 26 -25.44 19.02 25.87
N VAL A 27 -24.82 17.98 25.31
CA VAL A 27 -25.29 17.36 24.08
C VAL A 27 -26.65 16.71 24.27
N THR A 28 -27.54 16.91 23.28
CA THR A 28 -28.82 16.21 23.18
C THR A 28 -28.88 15.30 21.95
N GLU A 29 -28.07 15.56 20.93
CA GLU A 29 -28.09 14.73 19.73
C GLU A 29 -26.77 14.90 19.02
N LEU A 30 -26.30 13.83 18.36
CA LEU A 30 -25.12 13.93 17.54
C LEU A 30 -25.32 13.11 16.27
N CYS A 31 -24.72 13.58 15.19
CA CYS A 31 -24.69 12.83 13.94
C CYS A 31 -23.31 12.93 13.30
N LEU A 32 -22.77 11.76 12.95
CA LEU A 32 -21.56 11.63 12.16
C LEU A 32 -21.94 10.97 10.84
N LEU A 33 -21.47 11.56 9.73
N LEU A 33 -21.46 11.55 9.72
CA LEU A 33 -21.60 10.98 8.41
CA LEU A 33 -21.62 10.95 8.41
C LEU A 33 -20.20 10.93 7.80
C LEU A 33 -20.26 10.91 7.73
N ALA A 34 -19.68 9.70 7.66
CA ALA A 34 -18.33 9.49 7.17
C ALA A 34 -18.35 9.21 5.69
N VAL A 35 -17.61 10.03 4.94
CA VAL A 35 -17.51 10.00 3.49
C VAL A 35 -16.04 9.84 3.11
N HIS A 36 -15.71 8.82 2.33
CA HIS A 36 -14.35 8.67 1.83
C HIS A 36 -14.04 9.83 0.87
N ARG A 37 -12.78 10.26 0.84
CA ARG A 37 -12.40 11.39 0.01
C ARG A 37 -12.75 11.17 -1.47
N CYS A 38 -12.78 9.92 -1.94
CA CYS A 38 -13.04 9.66 -3.34
C CYS A 38 -14.41 10.17 -3.78
N ALA A 39 -15.37 10.28 -2.84
CA ALA A 39 -16.70 10.75 -3.18
C ALA A 39 -16.68 12.23 -3.59
N LEU A 40 -15.67 12.97 -3.11
CA LEU A 40 -15.51 14.39 -3.43
C LEU A 40 -14.44 14.60 -4.48
N GLU A 41 -13.38 13.78 -4.44
CA GLU A 41 -12.24 13.92 -5.33
C GLU A 41 -12.58 13.46 -6.74
N SER A 42 -13.42 12.42 -6.82
CA SER A 42 -13.76 11.72 -8.06
C SER A 42 -15.27 11.46 -8.07
N PRO A 43 -16.11 12.52 -8.07
CA PRO A 43 -17.57 12.31 -7.96
C PRO A 43 -18.07 11.60 -9.20
N PRO A 44 -19.01 10.63 -9.08
CA PRO A 44 -19.58 9.94 -10.25
C PRO A 44 -20.35 10.87 -11.18
N PRO A 50 -28.79 15.06 -13.89
CA PRO A 50 -28.33 16.44 -13.70
C PRO A 50 -29.20 17.23 -12.73
N PRO A 51 -29.35 16.77 -11.46
CA PRO A 51 -30.29 17.39 -10.53
C PRO A 51 -29.84 18.74 -9.97
N THR A 52 -30.78 19.47 -9.36
CA THR A 52 -30.47 20.74 -8.72
C THR A 52 -29.44 20.50 -7.62
N VAL A 53 -29.80 19.60 -6.69
CA VAL A 53 -28.94 19.28 -5.56
C VAL A 53 -28.25 17.95 -5.83
N PRO A 54 -26.91 17.84 -5.65
CA PRO A 54 -26.21 16.58 -5.81
C PRO A 54 -26.81 15.51 -4.89
N PRO A 55 -26.94 14.25 -5.35
CA PRO A 55 -27.34 13.16 -4.45
C PRO A 55 -26.19 12.90 -3.49
N PRO A 56 -26.46 12.42 -2.26
CA PRO A 56 -25.38 11.99 -1.39
C PRO A 56 -24.67 10.78 -2.00
N PRO A 57 -23.41 10.51 -1.61
CA PRO A 57 -22.72 9.30 -2.07
C PRO A 57 -23.47 8.06 -1.62
N ARG A 58 -23.42 7.01 -2.44
CA ARG A 58 -24.03 5.74 -2.10
C ARG A 58 -23.35 5.12 -0.88
N VAL A 59 -22.02 5.17 -0.85
CA VAL A 59 -21.26 4.53 0.21
C VAL A 59 -20.93 5.57 1.27
N VAL A 60 -21.67 5.50 2.39
CA VAL A 60 -21.45 6.36 3.52
C VAL A 60 -21.68 5.53 4.77
N ASP A 61 -21.08 5.96 5.87
CA ASP A 61 -21.39 5.44 7.19
C ASP A 61 -22.07 6.56 7.97
N LYS A 62 -23.11 6.22 8.73
CA LYS A 62 -23.89 7.23 9.45
C LYS A 62 -24.15 6.73 10.87
N LEU A 63 -23.99 7.64 11.82
CA LEU A 63 -24.36 7.39 13.21
C LEU A 63 -25.13 8.61 13.69
N SER A 64 -26.36 8.39 14.16
CA SER A 64 -27.16 9.45 14.74
C SER A 64 -27.68 8.96 16.08
N LEU A 65 -27.39 9.69 17.15
CA LEU A 65 -27.73 9.27 18.50
C LEU A 65 -28.34 10.44 19.26
N CYS A 66 -29.42 10.16 20.01
CA CYS A 66 -29.93 11.11 20.97
C CYS A 66 -29.33 10.80 22.35
N VAL A 67 -29.17 11.85 23.14
CA VAL A 67 -28.45 11.80 24.39
C VAL A 67 -29.27 12.51 25.44
N ALA A 68 -29.36 11.92 26.64
CA ALA A 68 -30.04 12.57 27.75
C ALA A 68 -29.06 13.53 28.42
N PRO A 69 -29.29 14.86 28.36
CA PRO A 69 -28.38 15.80 29.00
C PRO A 69 -28.66 15.87 30.50
N GLY A 70 -27.73 16.46 31.24
CA GLY A 70 -27.86 16.58 32.68
C GLY A 70 -28.65 17.81 33.12
N LYS A 71 -29.26 18.54 32.18
CA LYS A 71 -29.99 19.74 32.50
C LYS A 71 -31.11 19.92 31.48
N ALA A 72 -32.03 20.83 31.77
CA ALA A 72 -33.12 21.14 30.86
C ALA A 72 -32.59 21.82 29.61
N CYS A 73 -33.24 21.52 28.48
CA CYS A 73 -33.09 22.29 27.27
C CYS A 73 -33.81 23.62 27.48
N SER A 74 -33.25 24.70 26.93
CA SER A 74 -33.96 25.95 26.97
C SER A 74 -35.16 25.90 26.02
N PRO A 75 -36.19 26.73 26.25
CA PRO A 75 -37.28 26.87 25.30
C PRO A 75 -36.79 27.14 23.88
N ALA A 76 -35.78 28.00 23.71
CA ALA A 76 -35.25 28.31 22.40
C ALA A 76 -34.63 27.07 21.77
N ALA A 77 -33.89 26.29 22.56
CA ALA A 77 -33.28 25.08 22.04
C ALA A 77 -34.37 24.11 21.60
N SER A 78 -35.41 23.95 22.41
CA SER A 78 -36.46 23.00 22.11
C SER A 78 -37.23 23.39 20.84
N GLU A 79 -37.42 24.70 20.62
CA GLU A 79 -38.12 25.18 19.44
C GLU A 79 -37.34 24.87 18.16
N ILE A 80 -36.00 24.95 18.22
N ILE A 80 -36.00 24.96 18.21
CA ILE A 80 -35.18 24.80 17.03
CA ILE A 80 -35.20 24.79 17.02
C ILE A 80 -34.81 23.34 16.81
C ILE A 80 -34.87 23.31 16.80
N THR A 81 -34.70 22.53 17.88
CA THR A 81 -34.20 21.16 17.76
C THR A 81 -35.33 20.13 17.81
N GLY A 82 -36.50 20.52 18.34
CA GLY A 82 -37.62 19.62 18.60
C GLY A 82 -37.36 18.58 19.70
N LEU A 83 -36.36 18.83 20.55
CA LEU A 83 -36.03 17.94 21.65
C LEU A 83 -36.26 18.67 22.97
N SER A 84 -36.56 17.89 24.01
CA SER A 84 -36.53 18.38 25.37
C SER A 84 -35.94 17.28 26.24
N THR A 85 -35.43 17.64 27.41
CA THR A 85 -34.80 16.66 28.28
C THR A 85 -35.83 15.63 28.73
N ALA A 86 -37.05 16.08 29.04
CA ALA A 86 -38.09 15.16 29.50
C ALA A 86 -38.45 14.16 28.41
N VAL A 87 -38.56 14.62 27.16
CA VAL A 87 -38.92 13.74 26.06
C VAL A 87 -37.78 12.76 25.76
N LEU A 88 -36.53 13.24 25.80
CA LEU A 88 -35.40 12.33 25.65
C LEU A 88 -35.47 11.23 26.72
N ALA A 89 -35.77 11.62 27.96
CA ALA A 89 -35.90 10.66 29.04
C ALA A 89 -37.03 9.67 28.79
N ALA A 90 -38.17 10.15 28.29
CA ALA A 90 -39.31 9.29 27.99
C ALA A 90 -38.98 8.22 26.96
N HIS A 91 -38.01 8.52 26.07
CA HIS A 91 -37.54 7.57 25.07
C HIS A 91 -36.34 6.76 25.56
N GLY A 92 -36.07 6.80 26.87
CA GLY A 92 -35.07 5.95 27.48
C GLY A 92 -33.63 6.32 27.09
N ARG A 93 -33.41 7.58 26.71
CA ARG A 93 -32.06 7.96 26.29
C ARG A 93 -31.12 8.00 27.49
N GLN A 94 -29.87 7.61 27.23
CA GLN A 94 -28.85 7.58 28.26
C GLN A 94 -27.93 8.81 28.12
N CYS A 95 -27.20 9.09 29.20
CA CYS A 95 -26.32 10.23 29.24
C CYS A 95 -25.08 10.00 28.39
N PHE A 96 -24.28 11.07 28.26
CA PHE A 96 -23.00 11.00 27.59
C PHE A 96 -22.05 10.29 28.54
N ASP A 97 -21.71 9.03 28.23
CA ASP A 97 -20.93 8.21 29.14
C ASP A 97 -19.80 7.49 28.40
N ASP A 98 -19.08 6.65 29.15
CA ASP A 98 -17.94 5.92 28.60
C ASP A 98 -18.35 5.06 27.40
N ASN A 99 -19.49 4.37 27.51
CA ASN A 99 -19.96 3.53 26.42
C ASN A 99 -20.14 4.38 25.15
N LEU A 100 -20.69 5.60 25.29
CA LEU A 100 -20.89 6.45 24.13
C LEU A 100 -19.54 6.83 23.52
N ALA A 101 -18.57 7.21 24.37
CA ALA A 101 -17.26 7.58 23.86
C ALA A 101 -16.64 6.40 23.10
N ASN A 102 -16.78 5.19 23.66
CA ASN A 102 -16.25 3.99 23.03
C ASN A 102 -16.93 3.72 21.69
N LEU A 103 -18.25 3.93 21.63
N LEU A 103 -18.25 3.94 21.65
CA LEU A 103 -19.01 3.76 20.40
CA LEU A 103 -19.04 3.79 20.44
C LEU A 103 -18.50 4.73 19.34
C LEU A 103 -18.54 4.73 19.35
N LEU A 104 -18.33 6.01 19.70
CA LEU A 104 -17.80 6.99 18.76
C LEU A 104 -16.44 6.54 18.22
N LEU A 105 -15.55 6.10 19.11
CA LEU A 105 -14.21 5.70 18.68
C LEU A 105 -14.27 4.47 17.77
N ALA A 106 -15.17 3.51 18.08
CA ALA A 106 -15.31 2.31 17.27
C ALA A 106 -15.82 2.68 15.87
N PHE A 107 -16.73 3.65 15.81
CA PHE A 107 -17.23 4.13 14.53
C PHE A 107 -16.10 4.78 13.73
N LEU A 108 -15.30 5.64 14.38
CA LEU A 108 -14.20 6.30 13.68
C LEU A 108 -13.18 5.28 13.21
N ARG A 109 -12.97 4.22 14.00
CA ARG A 109 -12.00 3.19 13.66
C ARG A 109 -12.39 2.40 12.41
N ARG A 110 -13.64 2.51 11.97
CA ARG A 110 -14.05 1.90 10.72
C ARG A 110 -13.68 2.76 9.51
N GLN A 111 -13.14 3.96 9.74
CA GLN A 111 -12.84 4.88 8.66
C GLN A 111 -11.33 4.95 8.45
N PRO A 112 -10.86 5.01 7.19
CA PRO A 112 -9.42 5.21 6.95
C PRO A 112 -8.95 6.57 7.46
N GLN A 113 -7.73 6.55 7.99
CA GLN A 113 -7.10 7.74 8.52
C GLN A 113 -6.18 8.35 7.47
N PRO A 114 -5.88 9.66 7.52
CA PRO A 114 -6.45 10.58 8.52
C PRO A 114 -7.94 10.87 8.39
N TRP A 115 -8.57 11.04 9.55
CA TRP A 115 -9.96 11.47 9.70
C TRP A 115 -10.03 12.98 9.84
N CYS A 116 -11.02 13.63 9.20
CA CYS A 116 -11.24 15.04 9.42
C CYS A 116 -12.71 15.31 9.70
N LEU A 117 -13.02 15.77 10.92
CA LEU A 117 -14.35 16.22 11.27
C LEU A 117 -14.63 17.54 10.55
N VAL A 118 -15.84 17.67 10.00
CA VAL A 118 -16.25 18.87 9.29
C VAL A 118 -17.58 19.31 9.89
N ALA A 119 -17.61 20.51 10.50
CA ALA A 119 -18.82 21.00 11.12
C ALA A 119 -18.98 22.51 10.86
N HIS A 120 -20.23 22.94 10.72
CA HIS A 120 -20.52 24.31 10.35
C HIS A 120 -20.56 25.20 11.60
N ASN A 121 -19.65 26.18 11.68
CA ASN A 121 -19.39 26.86 12.94
C ASN A 121 -18.94 25.85 13.98
N GLY A 122 -18.22 24.82 13.54
CA GLY A 122 -17.71 23.80 14.45
C GLY A 122 -16.78 24.37 15.52
N ASP A 123 -16.01 25.41 15.21
CA ASP A 123 -15.08 25.97 16.18
C ASP A 123 -15.81 26.61 17.34
N ARG A 124 -17.03 27.09 17.10
CA ARG A 124 -17.85 27.70 18.14
C ARG A 124 -18.71 26.69 18.89
N TYR A 125 -19.30 25.73 18.15
CA TYR A 125 -20.30 24.84 18.72
C TYR A 125 -19.77 23.41 18.88
N ASP A 126 -19.70 22.65 17.79
CA ASP A 126 -19.58 21.21 17.87
C ASP A 126 -18.25 20.75 18.45
N PHE A 127 -17.14 21.36 18.00
CA PHE A 127 -15.84 20.85 18.40
C PHE A 127 -15.58 21.10 19.88
N PRO A 128 -15.72 22.34 20.42
CA PRO A 128 -15.47 22.54 21.85
C PRO A 128 -16.44 21.80 22.76
N LEU A 129 -17.69 21.61 22.29
CA LEU A 129 -18.64 20.87 23.11
C LEU A 129 -18.25 19.38 23.18
N LEU A 130 -17.87 18.79 22.04
CA LEU A 130 -17.42 17.41 22.05
C LEU A 130 -16.22 17.27 22.99
N GLN A 131 -15.25 18.20 22.91
CA GLN A 131 -14.09 18.15 23.78
C GLN A 131 -14.49 18.26 25.24
N ALA A 132 -15.48 19.10 25.55
CA ALA A 132 -15.94 19.26 26.93
C ALA A 132 -16.57 17.98 27.47
N GLU A 133 -17.43 17.34 26.65
CA GLU A 133 -18.08 16.12 27.08
C GLU A 133 -17.03 15.03 27.34
N LEU A 134 -16.01 14.93 26.49
CA LEU A 134 -14.97 13.94 26.67
C LEU A 134 -14.17 14.25 27.94
N ALA A 135 -13.86 15.52 28.17
CA ALA A 135 -13.10 15.91 29.35
C ALA A 135 -13.82 15.56 30.64
N MET A 136 -15.15 15.71 30.66
N MET A 136 -15.15 15.71 30.66
CA MET A 136 -15.95 15.39 31.83
CA MET A 136 -15.93 15.39 31.84
C MET A 136 -15.89 13.90 32.16
C MET A 136 -15.82 13.91 32.18
N LEU A 137 -15.56 13.06 31.17
CA LEU A 137 -15.38 11.62 31.38
C LEU A 137 -13.94 11.27 31.72
N GLY A 138 -13.05 12.27 31.77
CA GLY A 138 -11.63 12.02 31.95
C GLY A 138 -11.03 11.35 30.72
N LEU A 139 -11.62 11.64 29.55
CA LEU A 139 -11.18 11.08 28.29
C LEU A 139 -10.66 12.22 27.41
N THR A 140 -10.03 13.23 28.03
CA THR A 140 -9.33 14.23 27.25
C THR A 140 -8.37 13.47 26.34
N SER A 141 -8.35 13.85 25.06
CA SER A 141 -7.39 13.31 24.10
C SER A 141 -7.88 12.01 23.47
N ALA A 142 -9.07 11.53 23.83
CA ALA A 142 -9.57 10.27 23.29
C ALA A 142 -9.69 10.33 21.78
N LEU A 143 -10.05 11.52 21.26
CA LEU A 143 -10.34 11.68 19.84
C LEU A 143 -9.24 12.51 19.16
N ASP A 144 -8.06 12.60 19.78
CA ASP A 144 -7.07 13.55 19.30
C ASP A 144 -6.25 12.96 18.15
N GLY A 145 -6.56 11.72 17.74
CA GLY A 145 -6.07 11.21 16.47
C GLY A 145 -6.70 11.94 15.28
N ALA A 146 -7.85 12.58 15.53
CA ALA A 146 -8.62 13.22 14.49
C ALA A 146 -8.06 14.60 14.14
N PHE A 147 -8.48 15.06 12.96
CA PHE A 147 -8.32 16.43 12.52
C PHE A 147 -9.70 17.05 12.42
N CYS A 148 -9.75 18.37 12.24
CA CYS A 148 -11.03 19.04 12.11
C CYS A 148 -10.90 20.31 11.27
N VAL A 149 -12.01 20.68 10.64
N VAL A 149 -12.03 20.67 10.65
CA VAL A 149 -12.13 21.93 9.94
CA VAL A 149 -12.19 21.87 9.83
C VAL A 149 -13.53 22.47 10.16
C VAL A 149 -13.56 22.46 10.12
N ASP A 150 -13.62 23.79 10.25
CA ASP A 150 -14.88 24.50 10.34
C ASP A 150 -15.32 24.88 8.92
N SER A 151 -16.48 24.37 8.50
CA SER A 151 -16.95 24.60 7.14
C SER A 151 -17.31 26.06 6.85
N ILE A 152 -17.61 26.85 7.89
N ILE A 152 -17.65 26.87 7.87
CA ILE A 152 -17.92 28.26 7.63
CA ILE A 152 -17.91 28.28 7.59
C ILE A 152 -16.64 28.95 7.15
C ILE A 152 -16.62 28.94 7.09
N THR A 153 -15.49 28.60 7.72
CA THR A 153 -14.20 29.12 7.29
C THR A 153 -13.91 28.67 5.85
N ALA A 154 -14.11 27.37 5.58
CA ALA A 154 -13.88 26.81 4.27
C ALA A 154 -14.75 27.50 3.22
N LEU A 155 -16.05 27.64 3.49
CA LEU A 155 -16.98 28.11 2.48
C LEU A 155 -16.81 29.61 2.23
N LYS A 156 -16.43 30.37 3.26
CA LYS A 156 -16.07 31.77 3.07
C LYS A 156 -14.89 31.89 2.11
N ALA A 157 -13.85 31.08 2.33
CA ALA A 157 -12.67 31.09 1.48
C ALA A 157 -13.01 30.71 0.05
N LEU A 158 -13.87 29.70 -0.13
CA LEU A 158 -14.17 29.19 -1.45
C LEU A 158 -15.06 30.16 -2.23
N GLU A 159 -16.01 30.81 -1.54
CA GLU A 159 -16.87 31.79 -2.19
C GLU A 159 -16.04 32.99 -2.63
N ARG A 160 -15.01 33.35 -1.83
CA ARG A 160 -14.14 34.48 -2.18
C ARG A 160 -13.31 34.16 -3.42
N ALA A 161 -12.84 32.91 -3.54
CA ALA A 161 -12.05 32.49 -4.68
C ALA A 161 -12.89 32.46 -5.96
N SER A 162 -14.19 32.20 -5.82
CA SER A 162 -15.10 32.07 -6.96
C SER A 162 -15.51 33.44 -7.48
N SER A 163 -15.70 34.41 -6.57
CA SER A 163 -16.11 35.75 -6.94
C SER A 163 -14.94 36.73 -6.76
N LYS A 171 -22.91 39.19 3.51
CA LYS A 171 -23.97 38.16 3.40
C LYS A 171 -23.84 37.18 4.56
N SER A 172 -24.93 36.44 4.82
CA SER A 172 -24.98 35.44 5.88
C SER A 172 -24.25 34.18 5.45
N TYR A 173 -23.52 33.57 6.39
CA TYR A 173 -22.91 32.28 6.15
C TYR A 173 -23.51 31.22 7.06
N SER A 174 -24.76 31.44 7.51
CA SER A 174 -25.52 30.38 8.13
C SER A 174 -25.71 29.24 7.11
N LEU A 175 -25.93 28.03 7.62
CA LEU A 175 -26.07 26.85 6.79
C LEU A 175 -27.20 27.06 5.78
N GLY A 176 -28.35 27.53 6.28
CA GLY A 176 -29.53 27.75 5.47
C GLY A 176 -29.33 28.83 4.40
N SER A 177 -28.62 29.92 4.76
CA SER A 177 -28.34 30.99 3.82
C SER A 177 -27.47 30.51 2.66
N ILE A 178 -26.42 29.74 2.98
CA ILE A 178 -25.51 29.24 1.96
C ILE A 178 -26.29 28.29 1.06
N TYR A 179 -27.06 27.38 1.67
CA TYR A 179 -27.77 26.35 0.94
C TYR A 179 -28.71 27.02 -0.07
N THR A 180 -29.47 28.01 0.38
CA THR A 180 -30.44 28.71 -0.45
C THR A 180 -29.73 29.42 -1.62
N ARG A 181 -28.58 30.04 -1.32
CA ARG A 181 -27.81 30.77 -2.31
C ARG A 181 -27.31 29.82 -3.41
N LEU A 182 -26.84 28.62 -3.02
CA LEU A 182 -26.22 27.69 -3.94
C LEU A 182 -27.28 26.97 -4.77
N TYR A 183 -28.38 26.57 -4.12
CA TYR A 183 -29.32 25.64 -4.74
C TYR A 183 -30.66 26.30 -5.05
N GLY A 184 -30.80 27.60 -4.71
CA GLY A 184 -31.98 28.37 -5.07
C GLY A 184 -33.24 27.87 -4.37
N GLN A 185 -33.08 27.23 -3.21
CA GLN A 185 -34.18 26.62 -2.49
C GLN A 185 -33.74 26.27 -1.07
N SER A 186 -34.70 26.21 -0.15
CA SER A 186 -34.41 25.93 1.25
C SER A 186 -34.06 24.46 1.43
N PRO A 187 -33.25 24.08 2.46
CA PRO A 187 -32.92 22.68 2.71
C PRO A 187 -34.09 21.90 3.31
N PRO A 188 -34.16 20.55 3.13
CA PRO A 188 -35.31 19.76 3.57
C PRO A 188 -35.61 19.88 5.07
N ASP A 189 -34.61 19.52 5.89
CA ASP A 189 -34.77 19.33 7.33
C ASP A 189 -33.77 20.21 8.06
N SER A 190 -34.28 21.09 8.93
CA SER A 190 -33.46 22.05 9.66
C SER A 190 -33.51 21.76 11.16
N HIS A 191 -34.21 20.70 11.56
CA HIS A 191 -34.55 20.50 12.95
C HIS A 191 -33.77 19.35 13.60
N THR A 192 -33.03 18.52 12.83
CA THR A 192 -32.27 17.42 13.41
C THR A 192 -30.77 17.54 13.10
N ALA A 193 -29.94 16.88 13.91
CA ALA A 193 -28.51 16.83 13.66
C ALA A 193 -28.23 16.17 12.30
N GLU A 194 -28.94 15.09 11.98
CA GLU A 194 -28.76 14.43 10.70
C GLU A 194 -29.14 15.38 9.55
N GLY A 195 -30.21 16.14 9.73
CA GLY A 195 -30.63 17.07 8.70
C GLY A 195 -29.57 18.13 8.42
N ASP A 196 -28.93 18.60 9.49
CA ASP A 196 -27.88 19.61 9.36
C ASP A 196 -26.63 19.01 8.72
N VAL A 197 -26.33 17.74 9.03
CA VAL A 197 -25.19 17.07 8.39
C VAL A 197 -25.46 16.91 6.90
N LEU A 198 -26.66 16.48 6.53
CA LEU A 198 -26.97 16.22 5.13
C LEU A 198 -26.98 17.52 4.32
N ALA A 199 -27.48 18.61 4.91
CA ALA A 199 -27.44 19.90 4.24
C ALA A 199 -26.00 20.36 4.02
N LEU A 200 -25.16 20.19 5.04
CA LEU A 200 -23.74 20.54 4.92
C LEU A 200 -23.05 19.71 3.83
N LEU A 201 -23.34 18.40 3.81
CA LEU A 201 -22.77 17.54 2.79
C LEU A 201 -23.14 18.08 1.41
N SER A 202 -24.41 18.43 1.20
CA SER A 202 -24.87 18.95 -0.09
C SER A 202 -24.09 20.21 -0.48
N ILE A 203 -23.87 21.13 0.47
CA ILE A 203 -23.13 22.34 0.19
C ILE A 203 -21.71 21.99 -0.23
N CYS A 204 -21.10 21.04 0.48
CA CYS A 204 -19.72 20.67 0.22
C CYS A 204 -19.59 19.95 -1.12
N GLN A 205 -20.69 19.38 -1.63
CA GLN A 205 -20.68 18.72 -2.93
C GLN A 205 -20.87 19.69 -4.10
N TRP A 206 -21.03 20.98 -3.82
CA TRP A 206 -21.25 21.97 -4.87
C TRP A 206 -20.00 22.12 -5.74
N ARG A 207 -18.85 22.36 -5.09
CA ARG A 207 -17.55 22.37 -5.74
C ARG A 207 -16.66 21.42 -4.94
N PRO A 208 -16.84 20.10 -5.10
CA PRO A 208 -16.28 19.14 -4.16
C PRO A 208 -14.75 19.05 -4.19
N GLN A 209 -14.15 19.15 -5.37
CA GLN A 209 -12.71 19.02 -5.47
C GLN A 209 -12.02 20.22 -4.80
N ALA A 210 -12.59 21.42 -5.00
CA ALA A 210 -12.09 22.62 -4.34
C ALA A 210 -12.24 22.55 -2.82
N LEU A 211 -13.39 22.06 -2.34
CA LEU A 211 -13.64 21.92 -0.91
C LEU A 211 -12.62 20.98 -0.31
N LEU A 212 -12.41 19.83 -0.95
CA LEU A 212 -11.49 18.83 -0.44
C LEU A 212 -10.06 19.38 -0.41
N ARG A 213 -9.66 20.10 -1.47
CA ARG A 213 -8.34 20.72 -1.49
C ARG A 213 -8.16 21.66 -0.31
N TRP A 214 -9.21 22.44 -0.01
CA TRP A 214 -9.14 23.40 1.08
C TRP A 214 -9.01 22.66 2.42
N VAL A 215 -9.81 21.61 2.60
CA VAL A 215 -9.74 20.80 3.81
C VAL A 215 -8.34 20.24 4.00
N ASP A 216 -7.75 19.68 2.94
CA ASP A 216 -6.42 19.09 3.04
C ASP A 216 -5.39 20.14 3.46
N ALA A 217 -5.53 21.36 2.93
CA ALA A 217 -4.56 22.41 3.17
C ALA A 217 -4.69 23.00 4.58
N HIS A 218 -5.87 22.88 5.21
CA HIS A 218 -6.17 23.63 6.42
C HIS A 218 -6.59 22.77 7.61
N ALA A 219 -6.56 21.44 7.48
CA ALA A 219 -6.93 20.54 8.56
C ALA A 219 -6.09 20.81 9.80
N ARG A 220 -6.74 20.83 10.97
CA ARG A 220 -6.09 21.13 12.24
C ARG A 220 -6.25 19.94 13.18
N PRO A 221 -5.23 19.60 14.00
CA PRO A 221 -5.40 18.52 14.98
C PRO A 221 -6.54 18.85 15.92
N PHE A 222 -7.36 17.84 16.23
CA PHE A 222 -8.51 18.04 17.10
C PHE A 222 -8.05 18.44 18.50
N GLY A 223 -6.84 18.01 18.88
CA GLY A 223 -6.29 18.34 20.19
C GLY A 223 -6.03 19.83 20.40
N THR A 224 -6.05 20.62 19.31
CA THR A 224 -5.88 22.07 19.42
C THR A 224 -7.19 22.75 19.80
N ILE A 225 -8.30 22.01 19.83
CA ILE A 225 -9.59 22.57 20.23
C ILE A 225 -9.69 22.50 21.74
N ARG A 226 -9.77 23.66 22.38
CA ARG A 226 -9.94 23.71 23.83
C ARG A 226 -11.39 23.32 24.17
N PRO A 227 -11.61 22.59 25.27
CA PRO A 227 -12.97 22.28 25.69
C PRO A 227 -13.75 23.56 25.97
N MET A 228 -15.05 23.50 25.69
CA MET A 228 -15.95 24.63 25.92
C MET A 228 -15.95 25.04 27.39
N TYR A 229 -15.83 24.05 28.27
CA TYR A 229 -15.81 24.26 29.71
C TYR A 229 -15.14 23.05 30.35
N GLY A 230 -14.79 23.20 31.64
CA GLY A 230 -14.23 22.11 32.43
C GLY A 230 -12.74 21.98 32.20
N ALA B 1 39.49 7.80 -8.96
CA ALA B 1 38.90 9.07 -8.49
C ALA B 1 37.43 8.82 -8.21
N LEU B 2 37.20 7.97 -7.20
CA LEU B 2 35.86 7.63 -6.75
C LEU B 2 35.57 8.45 -5.49
N PRO B 3 34.34 8.99 -5.34
CA PRO B 3 33.96 9.68 -4.12
C PRO B 3 33.79 8.78 -2.89
N HIS B 4 33.40 7.51 -3.08
CA HIS B 4 32.93 6.70 -1.95
C HIS B 4 33.26 5.21 -2.10
N GLY B 5 34.44 4.87 -2.60
CA GLY B 5 34.78 3.47 -2.79
C GLY B 5 33.86 2.82 -3.83
N HIS B 6 34.06 1.51 -4.06
N HIS B 6 33.99 1.52 -4.03
CA HIS B 6 33.24 0.73 -4.97
CA HIS B 6 33.18 0.92 -5.09
C HIS B 6 31.81 0.62 -4.43
C HIS B 6 31.85 0.47 -4.51
N MET B 7 30.80 0.67 -5.30
CA MET B 7 29.46 0.27 -4.93
C MET B 7 29.37 -1.26 -5.05
N GLN B 8 28.97 -1.95 -3.97
N GLN B 8 28.96 -1.92 -3.97
CA GLN B 8 28.95 -3.40 -3.99
CA GLN B 8 28.93 -3.39 -3.93
C GLN B 8 27.65 -3.93 -4.58
C GLN B 8 27.66 -3.91 -4.58
N THR B 9 26.54 -3.21 -4.37
CA THR B 9 25.24 -3.60 -4.90
C THR B 9 24.68 -2.41 -5.67
N LEU B 10 24.25 -2.65 -6.91
CA LEU B 10 23.47 -1.68 -7.66
C LEU B 10 22.02 -2.10 -7.53
N ILE B 11 21.19 -1.21 -6.98
CA ILE B 11 19.78 -1.48 -6.86
C ILE B 11 19.06 -0.66 -7.92
N PHE B 12 18.74 -1.33 -9.03
CA PHE B 12 17.95 -0.70 -10.07
C PHE B 12 16.57 -0.45 -9.49
N PHE B 13 16.06 0.76 -9.72
CA PHE B 13 14.96 1.27 -8.92
C PHE B 13 14.03 2.08 -9.81
N ASP B 14 12.73 1.84 -9.66
CA ASP B 14 11.74 2.65 -10.35
C ASP B 14 10.47 2.70 -9.53
N MET B 15 9.83 3.86 -9.51
CA MET B 15 8.52 4.02 -8.89
C MET B 15 7.53 4.61 -9.88
N GLU B 16 6.25 4.25 -9.71
N GLU B 16 6.25 4.29 -9.67
CA GLU B 16 5.14 4.93 -10.33
CA GLU B 16 5.16 4.98 -10.32
C GLU B 16 4.50 5.83 -9.28
C GLU B 16 4.44 5.79 -9.27
N ALA B 17 3.83 6.90 -9.72
CA ALA B 17 3.21 7.84 -8.81
C ALA B 17 1.90 8.36 -9.40
N THR B 18 1.18 9.13 -8.58
CA THR B 18 -0.11 9.68 -8.95
C THR B 18 -0.03 10.80 -9.97
N GLY B 19 1.16 11.39 -10.17
CA GLY B 19 1.32 12.53 -11.04
C GLY B 19 2.77 12.97 -11.07
N LEU B 20 3.02 14.10 -11.73
CA LEU B 20 4.36 14.65 -11.85
C LEU B 20 4.68 15.51 -10.63
N PRO B 21 5.98 15.86 -10.41
CA PRO B 21 6.36 16.54 -9.16
C PRO B 21 5.56 17.77 -8.75
N SER B 22 5.12 18.60 -9.71
CA SER B 22 4.39 19.80 -9.33
C SER B 22 3.06 19.49 -8.63
N SER B 23 2.56 18.26 -8.80
CA SER B 23 1.27 17.84 -8.25
C SER B 23 1.37 17.32 -6.82
N ARG B 24 2.57 17.30 -6.22
CA ARG B 24 2.77 16.75 -4.89
C ARG B 24 2.31 15.29 -4.89
N PRO B 25 2.93 14.45 -5.74
CA PRO B 25 2.43 13.10 -5.98
C PRO B 25 2.78 12.15 -4.86
N GLU B 26 2.10 11.00 -4.87
CA GLU B 26 2.39 9.90 -3.96
C GLU B 26 2.64 8.62 -4.75
N VAL B 27 3.43 7.74 -4.15
CA VAL B 27 3.82 6.48 -4.77
C VAL B 27 2.60 5.56 -4.94
N THR B 28 2.54 4.91 -6.11
CA THR B 28 1.57 3.87 -6.40
C THR B 28 2.23 2.52 -6.64
N GLU B 29 3.51 2.50 -7.03
CA GLU B 29 4.19 1.23 -7.23
C GLU B 29 5.70 1.46 -7.11
N LEU B 30 6.41 0.44 -6.64
CA LEU B 30 7.86 0.52 -6.59
C LEU B 30 8.44 -0.83 -6.96
N CYS B 31 9.63 -0.79 -7.56
CA CYS B 31 10.39 -2.00 -7.83
C CYS B 31 11.86 -1.73 -7.54
N LEU B 32 12.48 -2.65 -6.80
CA LEU B 32 13.91 -2.70 -6.54
C LEU B 32 14.43 -4.01 -7.11
N LEU B 33 15.50 -3.93 -7.89
N LEU B 33 15.53 -3.94 -7.87
CA LEU B 33 16.20 -5.09 -8.39
CA LEU B 33 16.18 -5.14 -8.39
C LEU B 33 17.67 -4.93 -8.01
C LEU B 33 17.67 -5.02 -8.08
N ALA B 34 18.11 -5.76 -7.05
CA ALA B 34 19.46 -5.67 -6.53
C ALA B 34 20.37 -6.62 -7.29
N VAL B 35 21.44 -6.04 -7.85
CA VAL B 35 22.42 -6.76 -8.65
C VAL B 35 23.78 -6.55 -8.00
N HIS B 36 24.52 -7.62 -7.74
CA HIS B 36 25.86 -7.51 -7.22
C HIS B 36 26.76 -6.93 -8.32
N ARG B 37 27.78 -6.17 -7.91
CA ARG B 37 28.64 -5.51 -8.88
C ARG B 37 29.31 -6.50 -9.82
N CYS B 38 29.52 -7.75 -9.39
CA CYS B 38 30.20 -8.72 -10.24
C CYS B 38 29.42 -9.00 -11.52
N ALA B 39 28.10 -8.80 -11.50
CA ALA B 39 27.29 -9.07 -12.68
C ALA B 39 27.64 -8.11 -13.82
N LEU B 40 28.12 -6.91 -13.48
CA LEU B 40 28.52 -5.90 -14.45
C LEU B 40 30.03 -5.91 -14.65
N GLU B 41 30.79 -6.18 -13.58
CA GLU B 41 32.24 -6.16 -13.64
C GLU B 41 32.76 -7.34 -14.46
N SER B 42 32.10 -8.50 -14.29
CA SER B 42 32.52 -9.77 -14.85
C SER B 42 31.32 -10.51 -15.45
N PRO B 43 30.69 -9.98 -16.52
CA PRO B 43 29.49 -10.61 -17.09
C PRO B 43 29.80 -11.97 -17.71
N PRO B 44 28.86 -12.95 -17.70
CA PRO B 44 29.14 -14.28 -18.22
C PRO B 44 29.43 -14.29 -19.73
N PRO B 51 22.34 -13.52 -27.99
CA PRO B 51 21.06 -12.85 -28.11
C PRO B 51 21.22 -11.35 -28.35
N THR B 52 20.17 -10.71 -28.89
CA THR B 52 20.20 -9.28 -29.17
C THR B 52 20.25 -8.52 -27.84
N VAL B 53 19.40 -8.91 -26.88
CA VAL B 53 19.39 -8.25 -25.59
C VAL B 53 20.09 -9.16 -24.57
N PRO B 54 21.02 -8.63 -23.74
CA PRO B 54 21.67 -9.43 -22.70
C PRO B 54 20.61 -10.02 -21.77
N PRO B 55 20.77 -11.27 -21.31
CA PRO B 55 19.88 -11.81 -20.28
C PRO B 55 20.16 -11.14 -18.95
N PRO B 56 19.15 -11.01 -18.04
CA PRO B 56 19.43 -10.51 -16.71
C PRO B 56 20.38 -11.46 -15.99
N PRO B 57 21.13 -10.98 -14.99
CA PRO B 57 21.96 -11.87 -14.17
C PRO B 57 21.08 -12.92 -13.48
N ARG B 58 21.65 -14.11 -13.26
CA ARG B 58 20.93 -15.18 -12.59
C ARG B 58 20.65 -14.83 -11.13
N VAL B 59 21.66 -14.31 -10.43
CA VAL B 59 21.55 -14.09 -9.00
C VAL B 59 21.15 -12.64 -8.79
N VAL B 60 19.87 -12.43 -8.58
CA VAL B 60 19.35 -11.10 -8.29
C VAL B 60 18.27 -11.25 -7.24
N ASP B 61 18.03 -10.15 -6.52
CA ASP B 61 16.90 -10.04 -5.60
C ASP B 61 15.94 -9.00 -6.17
N LYS B 62 14.64 -9.26 -6.08
CA LYS B 62 13.66 -8.36 -6.64
C LYS B 62 12.52 -8.15 -5.65
N LEU B 63 12.07 -6.91 -5.55
CA LEU B 63 10.90 -6.55 -4.77
C LEU B 63 10.04 -5.63 -5.62
N SER B 64 8.78 -6.00 -5.85
CA SER B 64 7.84 -5.15 -6.57
C SER B 64 6.57 -5.06 -5.74
N LEU B 65 6.16 -3.84 -5.38
CA LEU B 65 5.03 -3.62 -4.50
C LEU B 65 4.13 -2.55 -5.08
N CYS B 66 2.81 -2.77 -5.03
CA CYS B 66 1.85 -1.71 -5.27
C CYS B 66 1.47 -1.06 -3.94
N VAL B 67 1.15 0.23 -4.00
CA VAL B 67 0.95 1.06 -2.83
C VAL B 67 -0.32 1.88 -3.04
N ALA B 68 -1.18 1.94 -2.02
CA ALA B 68 -2.36 2.78 -2.06
C ALA B 68 -1.97 4.23 -1.74
N PRO B 69 -2.04 5.18 -2.69
CA PRO B 69 -1.72 6.57 -2.40
C PRO B 69 -2.88 7.23 -1.67
N GLY B 70 -2.59 8.38 -1.07
CA GLY B 70 -3.57 9.14 -0.32
C GLY B 70 -4.43 10.05 -1.18
N LYS B 71 -4.30 9.97 -2.51
CA LYS B 71 -5.02 10.83 -3.42
C LYS B 71 -5.26 10.07 -4.71
N ALA B 72 -6.14 10.61 -5.55
CA ALA B 72 -6.40 10.04 -6.86
C ALA B 72 -5.18 10.18 -7.76
N CYS B 73 -5.01 9.20 -8.64
CA CYS B 73 -4.10 9.32 -9.75
C CYS B 73 -4.67 10.30 -10.77
N SER B 74 -3.80 11.10 -11.37
CA SER B 74 -4.23 11.90 -12.50
C SER B 74 -4.66 10.98 -13.64
N PRO B 75 -5.57 11.44 -14.52
CA PRO B 75 -5.90 10.65 -15.70
C PRO B 75 -4.68 10.23 -16.51
N ALA B 76 -3.72 11.14 -16.68
CA ALA B 76 -2.51 10.83 -17.43
C ALA B 76 -1.71 9.74 -16.74
N ALA B 77 -1.57 9.83 -15.41
CA ALA B 77 -0.84 8.81 -14.68
C ALA B 77 -1.50 7.45 -14.87
N SER B 78 -2.83 7.38 -14.79
CA SER B 78 -3.53 6.12 -14.93
C SER B 78 -3.33 5.52 -16.32
N GLU B 79 -3.33 6.38 -17.35
CA GLU B 79 -3.17 5.88 -18.71
C GLU B 79 -1.79 5.29 -18.92
N ILE B 80 -0.76 5.92 -18.36
CA ILE B 80 0.60 5.50 -18.62
C ILE B 80 0.95 4.31 -17.73
N THR B 81 0.43 4.26 -16.48
CA THR B 81 0.88 3.28 -15.51
C THR B 81 -0.06 2.09 -15.43
N GLY B 82 -1.32 2.25 -15.89
CA GLY B 82 -2.34 1.24 -15.79
C GLY B 82 -2.89 1.06 -14.37
N LEU B 83 -2.61 2.02 -13.48
CA LEU B 83 -3.07 1.97 -12.10
C LEU B 83 -4.04 3.12 -11.85
N SER B 84 -4.95 2.92 -10.90
CA SER B 84 -5.74 4.00 -10.31
C SER B 84 -5.87 3.72 -8.82
N THR B 85 -6.15 4.77 -8.06
CA THR B 85 -6.26 4.63 -6.61
C THR B 85 -7.41 3.67 -6.27
N ALA B 86 -8.52 3.79 -6.99
CA ALA B 86 -9.66 2.92 -6.72
C ALA B 86 -9.30 1.46 -6.98
N VAL B 87 -8.60 1.18 -8.08
CA VAL B 87 -8.23 -0.20 -8.40
C VAL B 87 -7.21 -0.74 -7.38
N LEU B 88 -6.23 0.07 -6.98
CA LEU B 88 -5.30 -0.33 -5.93
C LEU B 88 -6.06 -0.71 -4.66
N ALA B 89 -7.08 0.09 -4.30
CA ALA B 89 -7.88 -0.20 -3.13
C ALA B 89 -8.66 -1.50 -3.28
N ALA B 90 -9.21 -1.75 -4.48
CA ALA B 90 -9.95 -2.98 -4.74
C ALA B 90 -9.06 -4.21 -4.57
N HIS B 91 -7.75 -4.04 -4.73
CA HIS B 91 -6.81 -5.12 -4.54
C HIS B 91 -6.24 -5.12 -3.12
N GLY B 92 -6.84 -4.35 -2.21
CA GLY B 92 -6.46 -4.34 -0.81
C GLY B 92 -5.07 -3.77 -0.53
N ARG B 93 -4.59 -2.87 -1.40
CA ARG B 93 -3.26 -2.30 -1.20
C ARG B 93 -3.26 -1.34 -0.01
N GLN B 94 -2.15 -1.39 0.72
CA GLN B 94 -1.94 -0.55 1.88
C GLN B 94 -1.10 0.68 1.52
N CYS B 95 -1.20 1.71 2.37
N CYS B 95 -1.15 1.68 2.39
CA CYS B 95 -0.47 2.95 2.15
CA CYS B 95 -0.45 2.94 2.18
C CYS B 95 1.02 2.77 2.42
C CYS B 95 1.05 2.75 2.41
N PHE B 96 1.78 3.83 2.12
CA PHE B 96 3.20 3.90 2.40
C PHE B 96 3.35 4.18 3.90
N ASP B 97 3.68 3.15 4.67
CA ASP B 97 3.66 3.23 6.13
C ASP B 97 4.96 2.68 6.70
N ASP B 98 5.02 2.63 8.03
CA ASP B 98 6.23 2.19 8.72
C ASP B 98 6.60 0.78 8.29
N ASN B 99 5.61 -0.11 8.19
CA ASN B 99 5.89 -1.49 7.82
C ASN B 99 6.55 -1.52 6.44
N LEU B 100 6.08 -0.70 5.50
CA LEU B 100 6.69 -0.68 4.18
C LEU B 100 8.14 -0.19 4.27
N ALA B 101 8.41 0.85 5.05
CA ALA B 101 9.78 1.33 5.20
C ALA B 101 10.66 0.22 5.79
N ASN B 102 10.13 -0.51 6.77
CA ASN B 102 10.87 -1.60 7.40
C ASN B 102 11.15 -2.72 6.39
N LEU B 103 10.18 -3.02 5.54
N LEU B 103 10.16 -3.01 5.55
CA LEU B 103 10.34 -4.04 4.51
CA LEU B 103 10.30 -4.01 4.51
C LEU B 103 11.46 -3.62 3.53
C LEU B 103 11.43 -3.62 3.54
N LEU B 104 11.43 -2.35 3.10
CA LEU B 104 12.46 -1.84 2.20
C LEU B 104 13.84 -1.99 2.84
N LEU B 105 13.96 -1.61 4.11
CA LEU B 105 15.25 -1.68 4.78
C LEU B 105 15.70 -3.13 4.95
N ALA B 106 14.78 -4.05 5.26
CA ALA B 106 15.15 -5.44 5.43
C ALA B 106 15.65 -6.03 4.11
N PHE B 107 15.01 -5.63 3.01
CA PHE B 107 15.42 -6.04 1.68
C PHE B 107 16.83 -5.50 1.39
N LEU B 108 17.05 -4.21 1.66
CA LEU B 108 18.36 -3.63 1.42
C LEU B 108 19.43 -4.28 2.30
N ARG B 109 19.06 -4.66 3.54
CA ARG B 109 20.02 -5.26 4.45
C ARG B 109 20.50 -6.64 3.99
N ARG B 110 19.79 -7.29 3.05
CA ARG B 110 20.26 -8.52 2.46
C ARG B 110 21.32 -8.30 1.38
N GLN B 111 21.62 -7.04 1.08
CA GLN B 111 22.56 -6.73 0.02
C GLN B 111 23.86 -6.22 0.63
N PRO B 112 25.03 -6.65 0.11
CA PRO B 112 26.30 -6.07 0.54
C PRO B 112 26.38 -4.57 0.30
N GLN B 113 26.99 -3.87 1.25
CA GLN B 113 27.15 -2.43 1.19
C GLN B 113 28.53 -2.07 0.63
N PRO B 114 28.72 -0.88 0.03
CA PRO B 114 27.68 0.13 -0.18
C PRO B 114 26.61 -0.22 -1.20
N TRP B 115 25.38 0.29 -0.93
CA TRP B 115 24.24 0.22 -1.83
C TRP B 115 24.21 1.45 -2.72
N CYS B 116 23.90 1.27 -4.00
CA CYS B 116 23.66 2.40 -4.87
C CYS B 116 22.37 2.21 -5.64
N LEU B 117 21.38 3.08 -5.38
CA LEU B 117 20.14 3.11 -6.15
C LEU B 117 20.44 3.69 -7.53
N VAL B 118 19.89 3.07 -8.57
CA VAL B 118 20.09 3.52 -9.95
C VAL B 118 18.71 3.68 -10.57
N ALA B 119 18.36 4.90 -11.00
CA ALA B 119 17.03 5.18 -11.51
C ALA B 119 17.13 6.18 -12.66
N HIS B 120 16.25 6.03 -13.65
CA HIS B 120 16.33 6.82 -14.86
C HIS B 120 15.56 8.12 -14.65
N ASN B 121 16.25 9.26 -14.72
CA ASN B 121 15.70 10.52 -14.25
C ASN B 121 15.37 10.42 -12.75
N GLY B 122 16.18 9.63 -12.03
CA GLY B 122 15.97 9.48 -10.61
C GLY B 122 16.08 10.78 -9.82
N ASP B 123 16.91 11.72 -10.27
CA ASP B 123 17.10 12.95 -9.51
C ASP B 123 15.82 13.80 -9.50
N ARG B 124 15.03 13.66 -10.56
CA ARG B 124 13.78 14.40 -10.68
C ARG B 124 12.59 13.66 -10.08
N TYR B 125 12.56 12.34 -10.21
CA TYR B 125 11.36 11.55 -9.90
C TYR B 125 11.59 10.68 -8.67
N ASP B 126 12.32 9.57 -8.86
CA ASP B 126 12.29 8.49 -7.88
C ASP B 126 12.97 8.88 -6.56
N PHE B 127 14.12 9.54 -6.64
CA PHE B 127 14.88 9.79 -5.43
C PHE B 127 14.16 10.80 -4.54
N PRO B 128 13.74 11.99 -5.05
CA PRO B 128 13.07 12.96 -4.19
C PRO B 128 11.72 12.47 -3.68
N LEU B 129 11.02 11.65 -4.47
CA LEU B 129 9.75 11.14 -4.00
C LEU B 129 9.95 10.13 -2.87
N LEU B 130 10.93 9.23 -3.02
CA LEU B 130 11.22 8.29 -1.94
C LEU B 130 11.56 9.06 -0.67
N GLN B 131 12.41 10.09 -0.79
CA GLN B 131 12.78 10.89 0.36
C GLN B 131 11.56 11.57 0.98
N ALA B 132 10.61 12.03 0.15
CA ALA B 132 9.41 12.68 0.66
C ALA B 132 8.56 11.70 1.45
N GLU B 133 8.35 10.50 0.90
CA GLU B 133 7.54 9.49 1.57
C GLU B 133 8.17 9.09 2.90
N LEU B 134 9.49 8.94 2.93
CA LEU B 134 10.17 8.57 4.17
C LEU B 134 10.06 9.71 5.19
N ALA B 135 10.18 10.96 4.72
CA ALA B 135 10.12 12.11 5.61
C ALA B 135 8.75 12.24 6.25
N MET B 136 7.69 11.89 5.50
CA MET B 136 6.34 11.94 6.05
C MET B 136 6.18 10.96 7.21
N LEU B 137 7.00 9.89 7.24
CA LEU B 137 6.97 8.90 8.31
C LEU B 137 7.96 9.24 9.42
N GLY B 138 8.76 10.29 9.23
CA GLY B 138 9.76 10.68 10.20
C GLY B 138 11.01 9.81 10.10
N LEU B 139 11.25 9.25 8.91
CA LEU B 139 12.39 8.38 8.68
C LEU B 139 13.36 9.08 7.73
N THR B 140 13.65 10.36 8.01
CA THR B 140 14.40 11.20 7.09
C THR B 140 15.82 10.66 6.87
N SER B 141 16.38 9.98 7.88
CA SER B 141 17.77 9.54 7.84
C SER B 141 17.91 8.05 7.53
N ALA B 142 16.81 7.38 7.16
CA ALA B 142 16.79 5.92 7.06
C ALA B 142 17.77 5.40 6.01
N LEU B 143 18.03 6.20 4.97
CA LEU B 143 18.90 5.79 3.86
C LEU B 143 20.13 6.67 3.74
N ASP B 144 20.55 7.33 4.83
CA ASP B 144 21.69 8.24 4.76
C ASP B 144 22.95 7.51 4.30
N GLY B 145 23.06 6.23 4.61
CA GLY B 145 24.23 5.44 4.24
C GLY B 145 24.18 4.92 2.80
N ALA B 146 23.03 5.05 2.12
CA ALA B 146 22.90 4.61 0.74
C ALA B 146 23.48 5.68 -0.20
N PHE B 147 23.73 5.26 -1.43
CA PHE B 147 24.12 6.15 -2.51
C PHE B 147 23.08 6.08 -3.61
N CYS B 148 23.17 7.01 -4.56
CA CYS B 148 22.31 6.98 -5.71
C CYS B 148 23.01 7.58 -6.92
N VAL B 149 22.57 7.14 -8.09
N VAL B 149 22.53 7.16 -8.10
CA VAL B 149 22.97 7.74 -9.35
CA VAL B 149 23.00 7.62 -9.39
C VAL B 149 21.75 7.78 -10.26
C VAL B 149 21.80 7.72 -10.34
N ASP B 150 21.69 8.83 -11.05
CA ASP B 150 20.71 8.99 -12.10
C ASP B 150 21.27 8.42 -13.39
N SER B 151 20.64 7.38 -13.94
CA SER B 151 21.16 6.70 -15.13
C SER B 151 21.11 7.57 -16.39
N ILE B 152 20.25 8.59 -16.42
N ILE B 152 20.24 8.59 -16.45
CA ILE B 152 20.19 9.42 -17.62
CA ILE B 152 20.21 9.44 -17.64
C ILE B 152 21.49 10.21 -17.70
C ILE B 152 21.53 10.20 -17.71
N THR B 153 22.01 10.65 -16.54
CA THR B 153 23.28 11.35 -16.46
C THR B 153 24.40 10.43 -16.90
N ALA B 154 24.36 9.18 -16.42
CA ALA B 154 25.39 8.19 -16.70
C ALA B 154 25.44 7.87 -18.19
N LEU B 155 24.26 7.60 -18.78
CA LEU B 155 24.21 7.10 -20.14
C LEU B 155 24.56 8.21 -21.14
N LYS B 156 24.15 9.44 -20.82
CA LYS B 156 24.52 10.60 -21.63
C LYS B 156 26.05 10.75 -21.63
N ALA B 157 26.65 10.66 -20.44
CA ALA B 157 28.08 10.87 -20.29
C ALA B 157 28.86 9.75 -20.98
N LEU B 158 28.35 8.53 -20.92
CA LEU B 158 29.00 7.38 -21.53
C LEU B 158 28.95 7.51 -23.05
N GLU B 159 27.81 7.95 -23.59
CA GLU B 159 27.68 8.16 -25.02
C GLU B 159 28.68 9.22 -25.48
N ARG B 160 28.84 10.27 -24.65
CA ARG B 160 29.76 11.37 -24.95
C ARG B 160 31.18 10.85 -25.14
N ALA B 161 31.57 9.87 -24.31
CA ALA B 161 32.90 9.27 -24.37
C ALA B 161 32.82 7.93 -25.11
N LYS B 171 17.15 14.34 -29.89
CA LYS B 171 18.02 13.28 -29.32
C LYS B 171 17.47 12.92 -27.94
N SER B 172 16.47 12.05 -27.91
CA SER B 172 15.79 11.68 -26.68
C SER B 172 16.65 10.73 -25.86
N TYR B 173 16.67 10.96 -24.53
CA TYR B 173 17.30 10.03 -23.61
C TYR B 173 16.24 9.39 -22.72
N SER B 174 14.99 9.33 -23.20
CA SER B 174 13.97 8.55 -22.54
C SER B 174 14.40 7.08 -22.53
N LEU B 175 13.88 6.35 -21.54
CA LEU B 175 14.22 4.96 -21.40
C LEU B 175 13.94 4.21 -22.70
N GLY B 176 12.77 4.43 -23.29
CA GLY B 176 12.38 3.71 -24.49
C GLY B 176 13.23 4.08 -25.70
N SER B 177 13.61 5.36 -25.81
CA SER B 177 14.43 5.84 -26.90
C SER B 177 15.80 5.17 -26.88
N ILE B 178 16.41 5.12 -25.70
CA ILE B 178 17.72 4.51 -25.55
C ILE B 178 17.63 3.02 -25.87
N TYR B 179 16.62 2.36 -25.30
CA TYR B 179 16.47 0.92 -25.48
C TYR B 179 16.35 0.60 -26.96
N THR B 180 15.53 1.38 -27.69
CA THR B 180 15.27 1.11 -29.09
C THR B 180 16.55 1.28 -29.91
N ARG B 181 17.34 2.30 -29.56
CA ARG B 181 18.61 2.59 -30.22
C ARG B 181 19.58 1.43 -30.05
N LEU B 182 19.59 0.82 -28.86
CA LEU B 182 20.53 -0.24 -28.56
C LEU B 182 20.04 -1.59 -29.10
N TYR B 183 18.74 -1.88 -28.94
CA TYR B 183 18.26 -3.24 -29.15
C TYR B 183 17.26 -3.32 -30.31
N GLY B 184 17.19 -2.26 -31.12
CA GLY B 184 16.50 -2.29 -32.39
C GLY B 184 15.02 -2.66 -32.26
N GLN B 185 14.46 -2.46 -31.06
CA GLN B 185 13.08 -2.82 -30.78
C GLN B 185 12.68 -2.17 -29.46
N SER B 186 11.38 -1.96 -29.29
CA SER B 186 10.83 -1.40 -28.06
C SER B 186 11.07 -2.36 -26.89
N PRO B 187 11.23 -1.86 -25.64
CA PRO B 187 11.28 -2.75 -24.48
C PRO B 187 9.97 -3.53 -24.32
N PRO B 188 10.01 -4.77 -23.79
CA PRO B 188 8.81 -5.60 -23.66
C PRO B 188 7.65 -4.85 -23.01
N ASP B 189 7.92 -4.26 -21.84
CA ASP B 189 6.92 -3.61 -21.02
C ASP B 189 7.38 -2.19 -20.70
N SER B 190 6.43 -1.24 -20.84
CA SER B 190 6.69 0.18 -20.59
C SER B 190 5.71 0.74 -19.56
N HIS B 191 4.88 -0.12 -18.96
CA HIS B 191 3.75 0.33 -18.18
C HIS B 191 3.84 -0.04 -16.70
N THR B 192 4.86 -0.80 -16.26
CA THR B 192 5.00 -1.16 -14.85
C THR B 192 6.35 -0.72 -14.29
N ALA B 193 6.44 -0.57 -12.96
CA ALA B 193 7.72 -0.26 -12.33
C ALA B 193 8.74 -1.35 -12.63
N GLU B 194 8.32 -2.63 -12.56
CA GLU B 194 9.24 -3.72 -12.83
C GLU B 194 9.70 -3.68 -14.28
N GLY B 195 8.79 -3.37 -15.21
CA GLY B 195 9.18 -3.31 -16.61
C GLY B 195 10.24 -2.24 -16.87
N ASP B 196 10.09 -1.10 -16.20
CA ASP B 196 11.03 0.01 -16.36
C ASP B 196 12.38 -0.35 -15.74
N VAL B 197 12.37 -1.06 -14.60
CA VAL B 197 13.60 -1.53 -14.00
C VAL B 197 14.32 -2.53 -14.92
N LEU B 198 13.57 -3.48 -15.48
CA LEU B 198 14.18 -4.49 -16.34
C LEU B 198 14.73 -3.88 -17.61
N ALA B 199 14.04 -2.90 -18.19
CA ALA B 199 14.55 -2.21 -19.37
C ALA B 199 15.84 -1.45 -19.05
N LEU B 200 15.86 -0.78 -17.89
CA LEU B 200 17.02 -0.03 -17.47
C LEU B 200 18.20 -0.98 -17.25
N LEU B 201 17.97 -2.11 -16.61
CA LEU B 201 19.01 -3.11 -16.43
C LEU B 201 19.59 -3.51 -17.78
N SER B 202 18.73 -3.81 -18.75
CA SER B 202 19.19 -4.26 -20.06
C SER B 202 20.08 -3.19 -20.70
N ILE B 203 19.67 -1.92 -20.59
CA ILE B 203 20.48 -0.82 -21.12
C ILE B 203 21.84 -0.80 -20.43
N CYS B 204 21.85 -0.95 -19.10
CA CYS B 204 23.08 -0.87 -18.34
C CYS B 204 23.99 -2.07 -18.60
N GLN B 205 23.43 -3.17 -19.13
CA GLN B 205 24.21 -4.34 -19.49
C GLN B 205 24.82 -4.25 -20.89
N TRP B 206 24.57 -3.17 -21.63
CA TRP B 206 25.11 -3.01 -22.98
C TRP B 206 26.64 -2.89 -22.94
N ARG B 207 27.13 -1.96 -22.12
CA ARG B 207 28.56 -1.79 -21.88
C ARG B 207 28.76 -1.80 -20.37
N PRO B 208 28.68 -2.99 -19.74
CA PRO B 208 28.47 -3.05 -18.29
C PRO B 208 29.67 -2.55 -17.48
N GLN B 209 30.88 -2.84 -17.94
CA GLN B 209 32.06 -2.46 -17.19
C GLN B 209 32.22 -0.94 -17.18
N ALA B 210 31.97 -0.30 -18.32
CA ALA B 210 32.02 1.16 -18.42
C ALA B 210 30.94 1.80 -17.55
N LEU B 211 29.73 1.22 -17.56
CA LEU B 211 28.62 1.74 -16.78
C LEU B 211 28.97 1.66 -15.29
N LEU B 212 29.49 0.51 -14.86
CA LEU B 212 29.82 0.32 -13.46
C LEU B 212 30.89 1.31 -13.02
N ARG B 213 31.92 1.53 -13.85
CA ARG B 213 32.96 2.49 -13.54
C ARG B 213 32.36 3.88 -13.36
N TRP B 214 31.43 4.25 -14.24
CA TRP B 214 30.82 5.57 -14.14
C TRP B 214 30.03 5.69 -12.84
N VAL B 215 29.25 4.66 -12.52
CA VAL B 215 28.45 4.67 -11.29
C VAL B 215 29.36 4.83 -10.08
N ASP B 216 30.45 4.06 -10.02
CA ASP B 216 31.41 4.16 -8.92
C ASP B 216 31.96 5.59 -8.81
N ALA B 217 32.24 6.21 -9.96
CA ALA B 217 32.89 7.51 -9.98
C ALA B 217 31.94 8.64 -9.58
N HIS B 218 30.63 8.44 -9.73
CA HIS B 218 29.67 9.53 -9.58
C HIS B 218 28.61 9.28 -8.52
N ALA B 219 28.73 8.20 -7.74
CA ALA B 219 27.77 7.88 -6.70
C ALA B 219 27.63 9.03 -5.71
N ARG B 220 26.38 9.38 -5.38
CA ARG B 220 26.04 10.50 -4.51
C ARG B 220 25.37 9.98 -3.24
N PRO B 221 25.74 10.46 -2.04
CA PRO B 221 25.04 10.07 -0.82
C PRO B 221 23.55 10.39 -0.92
N PHE B 222 22.70 9.45 -0.53
CA PHE B 222 21.27 9.62 -0.69
C PHE B 222 20.77 10.75 0.20
N GLY B 223 21.46 11.01 1.32
CA GLY B 223 21.10 12.09 2.21
C GLY B 223 21.22 13.48 1.58
N THR B 224 21.89 13.60 0.43
CA THR B 224 21.99 14.87 -0.26
C THR B 224 20.78 15.10 -1.18
N ILE B 225 19.89 14.12 -1.30
CA ILE B 225 18.66 14.29 -2.07
C ILE B 225 17.63 14.96 -1.18
N ARG B 226 17.18 16.15 -1.58
CA ARG B 226 16.14 16.86 -0.85
C ARG B 226 14.79 16.20 -1.14
N PRO B 227 13.89 16.09 -0.14
CA PRO B 227 12.55 15.55 -0.38
C PRO B 227 11.80 16.41 -1.37
N MET B 228 10.96 15.75 -2.18
CA MET B 228 10.18 16.44 -3.18
C MET B 228 9.27 17.49 -2.54
N TYR B 229 8.77 17.17 -1.34
CA TYR B 229 7.91 18.05 -0.58
C TYR B 229 7.91 17.62 0.89
N GLY B 230 7.34 18.48 1.76
CA GLY B 230 7.19 18.21 3.18
C GLY B 230 5.85 18.73 3.72
N VAL B 231 5.80 18.92 5.05
CA VAL B 231 4.61 19.41 5.74
C VAL B 231 4.66 20.93 5.87
N THR B 232 5.78 21.55 5.44
CA THR B 232 5.89 22.99 5.35
C THR B 232 6.31 23.37 3.95
N LEU C 2 -17.20 -23.75 3.54
CA LEU C 2 -15.81 -23.22 3.50
C LEU C 2 -15.21 -23.34 4.89
N PRO C 3 -14.12 -24.13 5.08
CA PRO C 3 -13.60 -24.35 6.42
C PRO C 3 -13.06 -23.10 7.11
N HIS C 4 -12.58 -22.12 6.33
CA HIS C 4 -11.88 -20.97 6.90
C HIS C 4 -12.29 -19.66 6.21
N GLY C 5 -13.48 -19.65 5.61
CA GLY C 5 -13.95 -18.48 4.88
C GLY C 5 -13.18 -18.29 3.58
N HIS C 6 -13.42 -17.16 2.92
CA HIS C 6 -12.80 -16.91 1.63
C HIS C 6 -11.38 -16.37 1.82
N MET C 7 -10.44 -16.94 1.07
CA MET C 7 -9.08 -16.43 1.05
C MET C 7 -9.04 -15.10 0.30
N GLN C 8 -8.39 -14.08 0.89
CA GLN C 8 -8.36 -12.75 0.29
C GLN C 8 -7.16 -12.56 -0.63
N THR C 9 -6.03 -13.21 -0.29
CA THR C 9 -4.83 -13.11 -1.09
C THR C 9 -4.34 -14.52 -1.37
N LEU C 10 -4.07 -14.82 -2.64
CA LEU C 10 -3.36 -16.04 -3.00
C LEU C 10 -1.89 -15.66 -3.20
N ILE C 11 -1.02 -16.32 -2.47
CA ILE C 11 0.41 -16.07 -2.59
C ILE C 11 1.03 -17.27 -3.30
N PHE C 12 1.21 -17.11 -4.62
CA PHE C 12 1.90 -18.11 -5.41
C PHE C 12 3.34 -18.15 -4.92
N PHE C 13 3.84 -19.36 -4.67
CA PHE C 13 5.04 -19.54 -3.88
C PHE C 13 5.86 -20.67 -4.49
N ASP C 14 7.17 -20.42 -4.61
CA ASP C 14 8.08 -21.46 -5.04
C ASP C 14 9.45 -21.20 -4.43
N MET C 15 10.11 -22.30 -4.04
CA MET C 15 11.48 -22.23 -3.56
C MET C 15 12.35 -23.19 -4.34
N GLU C 16 13.62 -22.80 -4.49
N GLU C 16 13.63 -22.82 -4.45
CA GLU C 16 14.67 -23.73 -4.88
CA GLU C 16 14.65 -23.75 -4.88
C GLU C 16 15.42 -24.14 -3.62
C GLU C 16 15.50 -24.11 -3.66
N ALA C 17 16.00 -25.34 -3.65
CA ALA C 17 16.76 -25.84 -2.52
C ALA C 17 17.98 -26.63 -3.00
N THR C 18 18.81 -27.01 -2.03
CA THR C 18 20.07 -27.69 -2.30
C THR C 18 19.86 -29.13 -2.81
N GLY C 19 18.70 -29.70 -2.54
CA GLY C 19 18.40 -31.07 -2.92
C GLY C 19 16.95 -31.41 -2.61
N LEU C 20 16.60 -32.69 -2.74
CA LEU C 20 15.27 -33.16 -2.41
C LEU C 20 15.14 -33.41 -0.91
N PRO C 21 13.91 -33.56 -0.39
CA PRO C 21 13.68 -33.68 1.06
C PRO C 21 14.54 -34.67 1.84
N SER C 22 14.80 -35.84 1.24
N SER C 22 14.82 -35.84 1.26
CA SER C 22 15.58 -36.89 1.87
CA SER C 22 15.58 -36.87 1.94
C SER C 22 17.01 -36.45 2.15
C SER C 22 17.07 -36.52 2.05
N SER C 23 17.48 -35.38 1.50
CA SER C 23 18.85 -34.87 1.71
C SER C 23 18.95 -33.83 2.83
N ARG C 24 17.83 -33.52 3.52
N ARG C 24 17.84 -33.52 3.53
CA ARG C 24 17.79 -32.47 4.53
CA ARG C 24 17.80 -32.47 4.53
C ARG C 24 18.20 -31.15 3.86
C ARG C 24 18.21 -31.15 3.86
N PRO C 25 17.44 -30.70 2.85
CA PRO C 25 17.87 -29.58 2.02
C PRO C 25 17.68 -28.22 2.70
N GLU C 26 18.36 -27.23 2.13
CA GLU C 26 18.21 -25.85 2.55
C GLU C 26 17.84 -24.99 1.36
N VAL C 27 17.14 -23.90 1.67
CA VAL C 27 16.66 -22.97 0.66
C VAL C 27 17.83 -22.25 -0.01
N THR C 28 17.77 -22.15 -1.35
CA THR C 28 18.70 -21.36 -2.14
C THR C 28 18.00 -20.19 -2.83
N GLU C 29 16.68 -20.27 -3.02
CA GLU C 29 15.95 -19.18 -3.65
C GLU C 29 14.49 -19.27 -3.25
N LEU C 30 13.82 -18.12 -3.16
CA LEU C 30 12.38 -18.14 -2.93
C LEU C 30 11.72 -17.03 -3.73
N CYS C 31 10.47 -17.27 -4.10
CA CYS C 31 9.66 -16.27 -4.75
C CYS C 31 8.23 -16.35 -4.22
N LEU C 32 7.70 -15.18 -3.85
CA LEU C 32 6.31 -15.00 -3.47
C LEU C 32 5.70 -14.01 -4.46
N LEU C 33 4.53 -14.36 -4.97
N LEU C 33 4.52 -14.34 -4.99
CA LEU C 33 3.76 -13.49 -5.84
CA LEU C 33 3.78 -13.44 -5.84
C LEU C 33 2.34 -13.43 -5.27
C LEU C 33 2.34 -13.40 -5.33
N ALA C 34 1.99 -12.28 -4.68
CA ALA C 34 0.72 -12.11 -4.00
C ALA C 34 -0.29 -11.48 -4.96
N VAL C 35 -1.43 -12.16 -5.11
CA VAL C 35 -2.50 -11.76 -6.00
C VAL C 35 -3.79 -11.69 -5.18
N HIS C 36 -4.49 -10.55 -5.22
CA HIS C 36 -5.78 -10.45 -4.56
C HIS C 36 -6.77 -11.37 -5.24
N ARG C 37 -7.71 -11.93 -4.47
CA ARG C 37 -8.66 -12.88 -5.00
C ARG C 37 -9.42 -12.29 -6.19
N CYS C 38 -9.64 -10.97 -6.22
CA CYS C 38 -10.43 -10.38 -7.27
C CYS C 38 -9.85 -10.65 -8.67
N ALA C 39 -8.53 -10.84 -8.77
CA ALA C 39 -7.90 -11.10 -10.05
C ALA C 39 -8.33 -12.45 -10.64
N LEU C 40 -8.74 -13.39 -9.77
CA LEU C 40 -9.21 -14.71 -10.17
C LEU C 40 -10.74 -14.78 -10.16
N GLU C 41 -11.37 -14.12 -9.19
CA GLU C 41 -12.81 -14.20 -8.99
C GLU C 41 -13.54 -13.41 -10.08
N SER C 42 -12.93 -12.27 -10.45
CA SER C 42 -13.50 -11.30 -11.36
C SER C 42 -12.42 -10.90 -12.37
N PRO C 43 -11.96 -11.86 -13.21
CA PRO C 43 -10.83 -11.61 -14.10
C PRO C 43 -11.23 -10.63 -15.20
N PRO C 44 -10.39 -9.63 -15.55
CA PRO C 44 -10.61 -8.81 -16.74
C PRO C 44 -10.22 -9.52 -18.03
N THR C 52 -3.54 -16.56 -25.97
CA THR C 52 -3.03 -17.93 -25.70
C THR C 52 -2.80 -18.08 -24.20
N VAL C 53 -1.74 -17.46 -23.70
CA VAL C 53 -1.44 -17.48 -22.28
C VAL C 53 -1.97 -16.18 -21.69
N PRO C 54 -2.79 -16.25 -20.62
CA PRO C 54 -3.30 -15.03 -19.98
C PRO C 54 -2.13 -14.21 -19.45
N PRO C 55 -2.16 -12.86 -19.55
CA PRO C 55 -1.13 -12.03 -18.95
C PRO C 55 -1.30 -12.08 -17.44
N PRO C 56 -0.24 -11.85 -16.64
CA PRO C 56 -0.40 -11.72 -15.20
C PRO C 56 -1.31 -10.54 -14.88
N PRO C 57 -1.94 -10.54 -13.69
CA PRO C 57 -2.68 -9.36 -13.23
C PRO C 57 -1.76 -8.15 -13.16
N ARG C 58 -2.30 -6.97 -13.43
CA ARG C 58 -1.52 -5.74 -13.34
C ARG C 58 -1.06 -5.50 -11.91
N VAL C 59 -1.96 -5.69 -10.94
CA VAL C 59 -1.68 -5.38 -9.56
C VAL C 59 -1.25 -6.67 -8.87
N VAL C 60 0.05 -6.77 -8.61
CA VAL C 60 0.62 -7.90 -7.90
C VAL C 60 1.76 -7.37 -7.04
N ASP C 61 2.09 -8.11 -5.98
CA ASP C 61 3.30 -7.88 -5.21
C ASP C 61 4.21 -9.08 -5.42
N LYS C 62 5.51 -8.82 -5.58
CA LYS C 62 6.46 -9.87 -5.89
C LYS C 62 7.69 -9.70 -5.01
N LEU C 63 8.18 -10.82 -4.48
CA LEU C 63 9.45 -10.86 -3.78
C LEU C 63 10.22 -12.07 -4.28
N SER C 64 11.46 -11.86 -4.76
CA SER C 64 12.32 -12.96 -5.16
C SER C 64 13.67 -12.74 -4.52
N LEU C 65 14.17 -13.74 -3.78
CA LEU C 65 15.43 -13.62 -3.06
C LEU C 65 16.27 -14.87 -3.26
N CYS C 66 17.58 -14.69 -3.45
CA CYS C 66 18.51 -15.79 -3.38
C CYS C 66 19.02 -15.90 -1.94
N VAL C 67 19.35 -17.12 -1.53
CA VAL C 67 19.65 -17.42 -0.14
C VAL C 67 20.89 -18.32 -0.10
N ALA C 68 21.82 -18.00 0.80
CA ALA C 68 22.99 -18.83 1.01
C ALA C 68 22.63 -20.01 1.91
N PRO C 69 22.73 -21.26 1.42
CA PRO C 69 22.39 -22.41 2.25
C PRO C 69 23.56 -22.74 3.17
N GLY C 70 23.28 -23.51 4.22
CA GLY C 70 24.37 -23.92 5.11
C GLY C 70 25.18 -25.12 4.60
N LYS C 71 25.09 -25.49 3.31
CA LYS C 71 25.65 -26.73 2.79
C LYS C 71 25.78 -26.64 1.27
N ALA C 72 26.43 -27.64 0.65
CA ALA C 72 26.62 -27.68 -0.79
C ALA C 72 25.28 -27.95 -1.48
N CYS C 73 25.09 -27.33 -2.65
CA CYS C 73 24.03 -27.71 -3.56
C CYS C 73 24.46 -29.01 -4.24
N SER C 74 23.52 -29.93 -4.40
CA SER C 74 23.78 -31.10 -5.19
C SER C 74 24.02 -30.71 -6.64
N PRO C 75 24.83 -31.50 -7.38
CA PRO C 75 24.96 -31.31 -8.82
C PRO C 75 23.62 -31.27 -9.56
N ALA C 76 22.67 -32.14 -9.20
CA ALA C 76 21.36 -32.15 -9.84
C ALA C 76 20.64 -30.83 -9.61
N ALA C 77 20.71 -30.28 -8.38
CA ALA C 77 20.07 -29.02 -8.07
C ALA C 77 20.69 -27.89 -8.89
N SER C 78 22.04 -27.87 -8.97
CA SER C 78 22.74 -26.82 -9.69
C SER C 78 22.43 -26.86 -11.18
N GLU C 79 22.28 -28.06 -11.75
CA GLU C 79 21.94 -28.21 -13.16
C GLU C 79 20.56 -27.63 -13.49
N ILE C 80 19.62 -27.69 -12.56
CA ILE C 80 18.30 -27.11 -12.81
C ILE C 80 18.39 -25.59 -12.71
N THR C 81 19.07 -25.07 -11.68
CA THR C 81 18.90 -23.67 -11.27
C THR C 81 20.01 -22.76 -11.78
N GLY C 82 21.20 -23.32 -11.96
CA GLY C 82 22.39 -22.52 -12.16
C GLY C 82 22.83 -21.84 -10.86
N LEU C 83 22.29 -22.28 -9.72
CA LEU C 83 22.78 -21.85 -8.43
C LEU C 83 23.72 -22.92 -7.89
N SER C 84 24.78 -22.44 -7.24
CA SER C 84 25.67 -23.28 -6.45
C SER C 84 26.04 -22.48 -5.22
N THR C 85 26.54 -23.16 -4.18
N THR C 85 26.54 -23.15 -4.17
CA THR C 85 26.88 -22.48 -2.94
CA THR C 85 26.86 -22.42 -2.96
C THR C 85 28.01 -21.48 -3.20
C THR C 85 28.01 -21.44 -3.22
N ALA C 86 28.97 -21.83 -4.07
CA ALA C 86 30.07 -20.92 -4.41
C ALA C 86 29.56 -19.66 -5.13
N VAL C 87 28.63 -19.82 -6.09
CA VAL C 87 28.05 -18.68 -6.79
C VAL C 87 27.28 -17.79 -5.82
N LEU C 88 26.44 -18.39 -4.97
CA LEU C 88 25.70 -17.60 -4.00
C LEU C 88 26.64 -16.83 -3.06
N ALA C 89 27.74 -17.47 -2.67
CA ALA C 89 28.71 -16.85 -1.79
C ALA C 89 29.42 -15.69 -2.49
N ALA C 90 29.72 -15.85 -3.78
CA ALA C 90 30.41 -14.80 -4.54
C ALA C 90 29.54 -13.56 -4.67
N HIS C 91 28.21 -13.73 -4.57
CA HIS C 91 27.26 -12.62 -4.62
C HIS C 91 26.92 -12.11 -3.22
N GLY C 92 27.63 -12.61 -2.20
CA GLY C 92 27.47 -12.14 -0.83
C GLY C 92 26.11 -12.45 -0.22
N ARG C 93 25.45 -13.51 -0.68
CA ARG C 93 24.11 -13.82 -0.18
C ARG C 93 24.16 -14.21 1.29
N GLN C 94 23.11 -13.77 2.02
CA GLN C 94 22.93 -14.10 3.42
C GLN C 94 22.08 -15.36 3.53
N CYS C 95 22.13 -15.97 4.71
CA CYS C 95 21.41 -17.20 4.94
C CYS C 95 19.96 -16.91 5.30
N PHE C 96 19.23 -17.99 5.60
CA PHE C 96 17.86 -17.87 6.08
C PHE C 96 17.92 -17.49 7.55
N ASP C 97 17.81 -16.20 7.83
CA ASP C 97 18.07 -15.65 9.15
C ASP C 97 16.86 -14.83 9.63
N ASP C 98 17.01 -14.24 10.81
CA ASP C 98 15.94 -13.46 11.41
C ASP C 98 15.48 -12.33 10.50
N ASN C 99 16.44 -11.64 9.87
CA ASN C 99 16.12 -10.52 8.99
C ASN C 99 15.26 -11.01 7.83
N LEU C 100 15.60 -12.19 7.27
CA LEU C 100 14.80 -12.72 6.17
C LEU C 100 13.38 -13.05 6.64
N ALA C 101 13.26 -13.65 7.82
CA ALA C 101 11.94 -13.97 8.34
C ALA C 101 11.11 -12.70 8.51
N ASN C 102 11.75 -11.66 9.04
CA ASN C 102 11.06 -10.39 9.24
C ASN C 102 10.61 -9.79 7.91
N LEU C 103 11.49 -9.84 6.88
N LEU C 103 11.50 -9.85 6.90
CA LEU C 103 11.17 -9.36 5.54
CA LEU C 103 11.21 -9.39 5.56
C LEU C 103 9.95 -10.12 4.99
C LEU C 103 9.97 -10.11 5.02
N LEU C 104 9.94 -11.44 5.14
CA LEU C 104 8.83 -12.25 4.66
C LEU C 104 7.54 -11.83 5.36
N LEU C 105 7.61 -11.67 6.69
CA LEU C 105 6.43 -11.33 7.46
C LEU C 105 5.94 -9.93 7.08
N ALA C 106 6.86 -8.98 6.84
CA ALA C 106 6.46 -7.63 6.48
C ALA C 106 5.78 -7.64 5.10
N PHE C 107 6.30 -8.45 4.18
CA PHE C 107 5.69 -8.61 2.88
C PHE C 107 4.28 -9.19 3.01
N LEU C 108 4.13 -10.24 3.83
CA LEU C 108 2.83 -10.86 4.01
C LEU C 108 1.85 -9.88 4.67
N ARG C 109 2.34 -9.04 5.59
CA ARG C 109 1.49 -8.10 6.29
C ARG C 109 0.93 -7.03 5.36
N ARG C 110 1.50 -6.88 4.16
CA ARG C 110 0.93 -5.97 3.18
C ARG C 110 -0.24 -6.58 2.41
N GLN C 111 -0.55 -7.86 2.69
CA GLN C 111 -1.60 -8.55 1.97
C GLN C 111 -2.82 -8.73 2.87
N PRO C 112 -4.05 -8.52 2.35
CA PRO C 112 -5.25 -8.82 3.13
C PRO C 112 -5.35 -10.29 3.52
N GLN C 113 -5.82 -10.51 4.74
CA GLN C 113 -5.99 -11.84 5.29
C GLN C 113 -7.43 -12.29 5.13
N PRO C 114 -7.70 -13.61 5.08
CA PRO C 114 -6.66 -14.67 5.10
C PRO C 114 -5.78 -14.77 3.86
N TRP C 115 -4.52 -15.15 4.11
CA TRP C 115 -3.48 -15.44 3.13
C TRP C 115 -3.51 -16.92 2.82
N CYS C 116 -3.37 -17.31 1.55
CA CYS C 116 -3.21 -18.71 1.19
C CYS C 116 -2.01 -18.87 0.27
N LEU C 117 -0.98 -19.57 0.76
CA LEU C 117 0.15 -19.95 -0.06
C LEU C 117 -0.31 -21.02 -1.05
N VAL C 118 0.13 -20.89 -2.30
CA VAL C 118 -0.18 -21.85 -3.36
C VAL C 118 1.13 -22.28 -3.99
N ALA C 119 1.45 -23.58 -3.95
CA ALA C 119 2.71 -24.08 -4.47
C ALA C 119 2.51 -25.46 -5.09
N HIS C 120 3.27 -25.75 -6.15
CA HIS C 120 3.07 -26.97 -6.91
C HIS C 120 3.87 -28.11 -6.28
N ASN C 121 3.17 -29.14 -5.82
CA ASN C 121 3.78 -30.15 -4.96
C ASN C 121 4.25 -29.47 -3.67
N GLY C 122 3.52 -28.43 -3.25
CA GLY C 122 3.89 -27.70 -2.05
C GLY C 122 3.91 -28.56 -0.80
N ASP C 123 3.06 -29.59 -0.71
CA ASP C 123 3.01 -30.41 0.49
C ASP C 123 4.30 -31.23 0.63
N ARG C 124 4.95 -31.53 -0.49
CA ARG C 124 6.17 -32.31 -0.50
C ARG C 124 7.40 -31.42 -0.35
N TYR C 125 7.39 -30.26 -1.02
CA TYR C 125 8.59 -29.44 -1.16
C TYR C 125 8.49 -28.15 -0.35
N ASP C 126 7.73 -27.17 -0.85
CA ASP C 126 7.87 -25.79 -0.39
C ASP C 126 7.35 -25.58 1.03
N PHE C 127 6.20 -26.17 1.37
CA PHE C 127 5.57 -25.91 2.64
C PHE C 127 6.38 -26.52 3.79
N PRO C 128 6.74 -27.82 3.77
CA PRO C 128 7.53 -28.37 4.87
C PRO C 128 8.91 -27.75 4.97
N LEU C 129 9.52 -27.32 3.85
CA LEU C 129 10.84 -26.70 3.94
C LEU C 129 10.73 -25.32 4.58
N LEU C 130 9.73 -24.52 4.18
CA LEU C 130 9.52 -23.23 4.83
C LEU C 130 9.29 -23.42 6.33
N GLN C 131 8.44 -24.38 6.70
N GLN C 131 8.42 -24.35 6.70
CA GLN C 131 8.17 -24.63 8.09
CA GLN C 131 8.17 -24.64 8.10
C GLN C 131 9.44 -25.03 8.84
C GLN C 131 9.47 -25.01 8.83
N ALA C 132 10.30 -25.84 8.20
CA ALA C 132 11.58 -26.25 8.80
C ALA C 132 12.50 -25.06 9.03
N GLU C 133 12.62 -24.19 8.01
CA GLU C 133 13.50 -23.05 8.11
C GLU C 133 13.01 -22.14 9.24
N LEU C 134 11.69 -21.91 9.31
CA LEU C 134 11.14 -21.08 10.38
C LEU C 134 11.36 -21.74 11.74
N ALA C 135 11.19 -23.06 11.82
CA ALA C 135 11.38 -23.77 13.08
C ALA C 135 12.82 -23.62 13.59
N MET C 136 13.81 -23.67 12.69
N MET C 136 13.80 -23.68 12.67
CA MET C 136 15.20 -23.56 13.10
CA MET C 136 15.20 -23.55 13.04
C MET C 136 15.48 -22.19 13.69
C MET C 136 15.42 -22.21 13.74
N LEU C 137 14.65 -21.18 13.34
CA LEU C 137 14.77 -19.84 13.87
C LEU C 137 13.93 -19.63 15.13
N GLY C 138 13.15 -20.65 15.53
CA GLY C 138 12.25 -20.52 16.66
C GLY C 138 11.02 -19.68 16.33
N LEU C 139 10.65 -19.65 15.05
CA LEU C 139 9.49 -18.88 14.61
C LEU C 139 8.40 -19.86 14.16
N THR C 140 8.15 -20.88 14.99
CA THR C 140 7.26 -21.99 14.67
C THR C 140 5.85 -21.48 14.32
N SER C 141 5.40 -20.45 15.05
CA SER C 141 4.00 -20.04 15.02
C SER C 141 3.78 -18.79 14.15
N ALA C 142 4.82 -18.34 13.44
CA ALA C 142 4.76 -17.07 12.73
C ALA C 142 3.68 -17.08 11.63
N LEU C 143 3.43 -18.25 11.04
CA LEU C 143 2.45 -18.38 9.97
C LEU C 143 1.25 -19.21 10.41
N ASP C 144 0.97 -19.25 11.73
CA ASP C 144 -0.12 -20.07 12.24
C ASP C 144 -1.47 -19.60 11.70
N GLY C 145 -1.58 -18.31 11.36
CA GLY C 145 -2.83 -17.76 10.85
C GLY C 145 -2.96 -17.87 9.34
N ALA C 146 -1.92 -18.37 8.68
CA ALA C 146 -1.91 -18.47 7.23
C ALA C 146 -2.49 -19.81 6.81
N PHE C 147 -2.79 -19.91 5.51
CA PHE C 147 -3.32 -21.12 4.92
C PHE C 147 -2.44 -21.51 3.75
N CYS C 148 -2.63 -22.74 3.28
CA CYS C 148 -1.90 -23.22 2.12
C CYS C 148 -2.73 -24.24 1.34
N VAL C 149 -2.46 -24.31 0.04
N VAL C 149 -2.38 -24.35 0.05
CA VAL C 149 -2.98 -25.37 -0.80
CA VAL C 149 -2.99 -25.25 -0.91
C VAL C 149 -1.87 -25.80 -1.75
C VAL C 149 -1.89 -25.76 -1.83
N ASP C 150 -1.90 -27.09 -2.08
CA ASP C 150 -0.99 -27.68 -3.04
C ASP C 150 -1.68 -27.68 -4.40
N SER C 151 -1.10 -26.98 -5.39
CA SER C 151 -1.74 -26.84 -6.68
C SER C 151 -1.79 -28.15 -7.47
N ILE C 152 -0.94 -29.13 -7.15
CA ILE C 152 -1.04 -30.39 -7.86
C ILE C 152 -2.34 -31.09 -7.44
N THR C 153 -2.69 -30.99 -6.16
CA THR C 153 -3.95 -31.55 -5.65
C THR C 153 -5.12 -30.85 -6.33
N ALA C 154 -5.05 -29.52 -6.41
CA ALA C 154 -6.12 -28.72 -7.01
C ALA C 154 -6.29 -29.04 -8.50
N LEU C 155 -5.18 -29.05 -9.23
CA LEU C 155 -5.25 -29.14 -10.69
C LEU C 155 -5.61 -30.56 -11.12
N LYS C 156 -5.21 -31.57 -10.33
CA LYS C 156 -5.67 -32.95 -10.53
C LYS C 156 -7.17 -33.05 -10.34
N ALA C 157 -7.66 -32.46 -9.24
CA ALA C 157 -9.07 -32.52 -8.90
C ALA C 157 -9.90 -31.85 -10.00
N LEU C 158 -9.38 -30.76 -10.59
CA LEU C 158 -10.09 -30.02 -11.60
C LEU C 158 -9.99 -30.70 -12.97
N GLU C 159 -8.93 -31.48 -13.20
CA GLU C 159 -8.84 -32.29 -14.41
C GLU C 159 -9.60 -33.61 -14.21
N LYS C 171 -0.77 -39.80 -17.02
CA LYS C 171 -0.66 -38.33 -17.20
C LYS C 171 0.31 -37.78 -16.15
N SER C 172 1.31 -37.00 -16.61
CA SER C 172 2.19 -36.26 -15.72
C SER C 172 1.48 -35.01 -15.20
N TYR C 173 1.65 -34.72 -13.91
CA TYR C 173 1.14 -33.50 -13.32
C TYR C 173 2.30 -32.61 -12.86
N SER C 174 3.47 -32.79 -13.47
CA SER C 174 4.56 -31.83 -13.32
C SER C 174 4.10 -30.48 -13.85
N LEU C 175 4.71 -29.42 -13.32
CA LEU C 175 4.37 -28.06 -13.71
C LEU C 175 4.50 -27.91 -15.23
N GLY C 176 5.60 -28.40 -15.80
CA GLY C 176 5.86 -28.29 -17.23
C GLY C 176 4.86 -29.10 -18.06
N SER C 177 4.50 -30.29 -17.58
CA SER C 177 3.55 -31.14 -18.27
C SER C 177 2.18 -30.45 -18.38
N ILE C 178 1.70 -29.91 -17.25
CA ILE C 178 0.40 -29.26 -17.21
C ILE C 178 0.43 -28.03 -18.12
N TYR C 179 1.49 -27.23 -17.99
CA TYR C 179 1.62 -26.00 -18.77
C TYR C 179 1.59 -26.32 -20.25
N THR C 180 2.31 -27.38 -20.65
CA THR C 180 2.42 -27.76 -22.05
C THR C 180 1.05 -28.21 -22.56
N ARG C 181 0.33 -28.98 -21.74
CA ARG C 181 -0.98 -29.50 -22.11
C ARG C 181 -1.98 -28.36 -22.29
N LEU C 182 -1.85 -27.28 -21.50
CA LEU C 182 -2.77 -26.15 -21.57
C LEU C 182 -2.35 -25.16 -22.66
N TYR C 183 -1.06 -24.87 -22.79
CA TYR C 183 -0.63 -23.72 -23.58
C TYR C 183 0.26 -24.13 -24.77
N GLY C 184 0.60 -25.41 -24.90
CA GLY C 184 1.18 -25.93 -26.14
C GLY C 184 2.68 -25.66 -26.30
N GLN C 185 3.35 -25.18 -25.25
CA GLN C 185 4.78 -24.98 -25.26
C GLN C 185 5.28 -25.05 -23.81
N SER C 186 6.59 -25.19 -23.63
CA SER C 186 7.19 -25.18 -22.31
C SER C 186 7.07 -23.78 -21.71
N PRO C 187 7.02 -23.64 -20.37
CA PRO C 187 7.06 -22.33 -19.73
C PRO C 187 8.31 -21.51 -20.10
N PRO C 188 8.20 -20.17 -20.15
CA PRO C 188 9.36 -19.31 -20.44
C PRO C 188 10.61 -19.63 -19.63
N ASP C 189 10.44 -19.87 -18.33
CA ASP C 189 11.56 -20.01 -17.40
C ASP C 189 11.25 -21.13 -16.41
N SER C 190 12.13 -22.14 -16.38
CA SER C 190 11.98 -23.26 -15.47
C SER C 190 13.22 -23.41 -14.60
N HIS C 191 14.11 -22.41 -14.64
CA HIS C 191 15.37 -22.49 -13.91
C HIS C 191 15.38 -21.60 -12.68
N THR C 192 14.33 -20.79 -12.47
CA THR C 192 14.28 -19.88 -11.34
C THR C 192 12.98 -20.08 -10.56
N ALA C 193 13.01 -19.69 -9.28
CA ALA C 193 11.81 -19.73 -8.44
C ALA C 193 10.74 -18.83 -9.04
N GLU C 194 11.13 -17.65 -9.53
CA GLU C 194 10.17 -16.72 -10.11
C GLU C 194 9.54 -17.34 -11.37
N GLY C 195 10.35 -18.02 -12.17
CA GLY C 195 9.84 -18.64 -13.38
C GLY C 195 8.78 -19.69 -13.06
N ASP C 196 9.03 -20.47 -12.00
CA ASP C 196 8.09 -21.50 -11.58
C ASP C 196 6.81 -20.89 -11.01
N VAL C 197 6.94 -19.76 -10.30
CA VAL C 197 5.77 -19.06 -9.80
C VAL C 197 4.94 -18.51 -10.96
N LEU C 198 5.59 -17.88 -11.94
CA LEU C 198 4.86 -17.29 -13.06
C LEU C 198 4.18 -18.37 -13.90
N ALA C 199 4.82 -19.52 -14.09
CA ALA C 199 4.19 -20.62 -14.82
C ALA C 199 2.97 -21.13 -14.07
N LEU C 200 3.10 -21.26 -12.74
CA LEU C 200 2.00 -21.72 -11.91
C LEU C 200 0.84 -20.73 -11.97
N LEU C 201 1.16 -19.43 -11.92
CA LEU C 201 0.14 -18.41 -12.01
C LEU C 201 -0.64 -18.59 -13.32
N SER C 202 0.08 -18.76 -14.44
CA SER C 202 -0.57 -18.88 -15.73
C SER C 202 -1.51 -20.08 -15.77
N ILE C 203 -1.08 -21.20 -15.19
CA ILE C 203 -1.91 -22.39 -15.13
C ILE C 203 -3.17 -22.10 -14.30
N CYS C 204 -3.00 -21.39 -13.18
CA CYS C 204 -4.13 -21.11 -12.31
C CYS C 204 -5.09 -20.10 -12.96
N GLN C 205 -4.61 -19.32 -13.93
CA GLN C 205 -5.45 -18.37 -14.63
C GLN C 205 -6.19 -18.99 -15.81
N TRP C 206 -5.98 -20.28 -16.08
CA TRP C 206 -6.66 -20.97 -17.16
C TRP C 206 -8.17 -20.99 -16.92
N ARG C 207 -8.58 -21.46 -15.74
CA ARG C 207 -9.97 -21.46 -15.30
C ARG C 207 -9.98 -20.90 -13.89
N PRO C 208 -9.85 -19.56 -13.77
CA PRO C 208 -9.51 -18.95 -12.48
C PRO C 208 -10.61 -19.03 -11.43
N GLN C 209 -11.87 -18.88 -11.84
CA GLN C 209 -12.96 -18.88 -10.88
C GLN C 209 -13.10 -20.25 -10.21
N ALA C 210 -13.02 -21.31 -11.01
CA ALA C 210 -12.97 -22.69 -10.57
C ALA C 210 -11.75 -22.96 -9.70
N LEU C 211 -10.54 -22.43 -10.08
CA LEU C 211 -9.36 -22.59 -9.25
C LEU C 211 -9.63 -21.99 -7.85
N LEU C 212 -10.15 -20.76 -7.81
CA LEU C 212 -10.34 -20.04 -6.56
C LEU C 212 -11.39 -20.72 -5.68
N ARG C 213 -12.47 -21.24 -6.27
CA ARG C 213 -13.46 -21.98 -5.51
C ARG C 213 -12.83 -23.19 -4.82
N TRP C 214 -11.98 -23.91 -5.55
CA TRP C 214 -11.33 -25.08 -4.99
C TRP C 214 -10.43 -24.67 -3.82
N VAL C 215 -9.66 -23.59 -3.99
CA VAL C 215 -8.78 -23.12 -2.94
C VAL C 215 -9.58 -22.80 -1.68
N ASP C 216 -10.68 -22.05 -1.84
CA ASP C 216 -11.47 -21.62 -0.71
C ASP C 216 -12.05 -22.84 0.02
N ALA C 217 -12.44 -23.86 -0.75
CA ALA C 217 -13.02 -25.06 -0.17
C ALA C 217 -11.99 -25.93 0.55
N HIS C 218 -10.72 -25.88 0.14
CA HIS C 218 -9.74 -26.86 0.58
C HIS C 218 -8.53 -26.25 1.32
N ALA C 219 -8.56 -24.94 1.59
CA ALA C 219 -7.49 -24.26 2.30
C ALA C 219 -7.18 -24.96 3.63
N ARG C 220 -5.89 -25.21 3.87
N ARG C 220 -5.90 -25.22 3.87
CA ARG C 220 -5.43 -25.91 5.06
CA ARG C 220 -5.43 -25.90 5.06
C ARG C 220 -4.61 -24.94 5.91
C ARG C 220 -4.62 -24.93 5.91
N PRO C 221 -4.83 -24.87 7.25
CA PRO C 221 -4.00 -24.02 8.11
C PRO C 221 -2.54 -24.42 7.95
N PHE C 222 -1.67 -23.41 7.83
CA PHE C 222 -0.26 -23.67 7.61
C PHE C 222 0.34 -24.38 8.82
N GLY C 223 -0.24 -24.15 10.00
CA GLY C 223 0.23 -24.80 11.23
C GLY C 223 0.09 -26.32 11.19
N THR C 224 -0.70 -26.87 10.27
CA THR C 224 -0.86 -28.31 10.18
C THR C 224 0.24 -28.92 9.31
N ILE C 225 1.10 -28.07 8.71
CA ILE C 225 2.22 -28.56 7.93
C ILE C 225 3.36 -28.87 8.88
N ARG C 226 3.79 -30.13 8.91
CA ARG C 226 4.91 -30.53 9.74
C ARG C 226 6.19 -30.07 9.08
N PRO C 227 7.19 -29.59 9.85
CA PRO C 227 8.48 -29.24 9.28
C PRO C 227 9.11 -30.46 8.62
N MET C 228 9.83 -30.20 7.53
CA MET C 228 10.51 -31.23 6.76
C MET C 228 11.49 -32.00 7.64
N TYR C 229 12.12 -31.30 8.58
CA TYR C 229 13.06 -31.86 9.53
C TYR C 229 13.13 -30.92 10.72
N GLY C 230 13.80 -31.38 11.79
CA GLY C 230 13.99 -30.57 12.99
C GLY C 230 15.45 -30.17 13.18
N VAL C 231 15.71 -29.47 14.29
CA VAL C 231 17.06 -29.05 14.66
C VAL C 231 17.80 -30.26 15.28
#